data_4PXD
#
_entry.id   4PXD
#
_cell.length_a   106.829
_cell.length_b   171.864
_cell.length_c   43.244
_cell.angle_alpha   90.000
_cell.angle_beta   90.000
_cell.angle_gamma   90.000
#
_symmetry.space_group_name_H-M   'P 21 21 2'
#
loop_
_entity.id
_entity.type
_entity.pdbx_description
1 polymer 'Allantoate amidohydrolase'
2 non-polymer 'MANGANESE (II) ION'
3 non-polymer 'ALLANTOATE ION'
4 water water
#
_entity_poly.entity_id   1
_entity_poly.type   'polypeptide(L)'
_entity_poly.pdbx_seq_one_letter_code
;GHMITHFRQAIEETLPWLSSFGADPAGGMTRLLYSPEWLETQQQFKKRMAASGLETRFDEVGNLYGRLNGTEYPQEVVLS
GSHIDTVVNGGNLDGQFGALAAWLAIDWLKTQYGAPLRTVEVVAMAEAEGSRFPYVFWGSKNIFGLANPDDVRNICDAKG
NSFVDAMKACGFTLPNAPLTPRQDIKAFVELHIEQGCVLESNGQSIGVVNAIVGQRRYTVTLNGESNHAGTTPMGYRRDT
VYAFSRICHQSVEKAKRMGDPLVLTFGKVEPRPNTVNVVPGKTTFTIDCRHTDAAVLRDFTQQLENDMRAICDEMDIGID
IDLWMDEEPVPMNKELVATLTELCEREKLNYRVMHSGAGHDAQIFAPRVPTCMIFIPSINGISHNPAERTNITDLAEGVK
TLALMLYQLAWQK
;
_entity_poly.pdbx_strand_id   A,B
#
loop_
_chem_comp.id
_chem_comp.type
_chem_comp.name
_chem_comp.formula
1AL non-polymer 'ALLANTOATE ION' 'C4 H7 N4 O4 -1'
MN non-polymer 'MANGANESE (II) ION' 'Mn 2'
#
# COMPACT_ATOMS: atom_id res chain seq x y z
N MET A 3 14.40 38.99 25.61
CA MET A 3 15.06 38.07 24.70
C MET A 3 14.20 36.84 24.40
N ILE A 4 13.59 36.26 25.44
CA ILE A 4 12.57 35.25 25.23
C ILE A 4 11.44 35.87 24.41
N THR A 5 11.11 37.12 24.76
CA THR A 5 10.06 37.85 24.08
C THR A 5 10.34 38.02 22.59
N HIS A 6 11.59 38.36 22.27
CA HIS A 6 12.02 38.47 20.88
C HIS A 6 11.84 37.15 20.11
N PHE A 7 12.38 36.07 20.65
CA PHE A 7 12.38 34.78 19.95
C PHE A 7 10.97 34.25 19.75
N ARG A 8 10.13 34.37 20.78
CA ARG A 8 8.70 34.10 20.67
C ARG A 8 8.13 34.77 19.42
N GLN A 9 8.37 36.07 19.31
CA GLN A 9 7.86 36.86 18.19
C GLN A 9 8.42 36.37 16.87
N ALA A 10 9.74 36.16 16.84
CA ALA A 10 10.42 35.69 15.64
C ALA A 10 9.87 34.34 15.16
N ILE A 11 9.69 33.40 16.09
CA ILE A 11 9.13 32.08 15.76
C ILE A 11 7.72 32.23 15.20
N GLU A 12 6.89 33.01 15.89
CA GLU A 12 5.51 33.21 15.48
C GLU A 12 5.44 33.83 14.09
N GLU A 13 6.51 34.53 13.74
CA GLU A 13 6.60 35.20 12.44
C GLU A 13 6.99 34.24 11.31
N THR A 14 7.94 33.35 11.58
CA THR A 14 8.60 32.61 10.52
C THR A 14 8.16 31.15 10.43
N LEU A 15 7.82 30.55 11.56
CA LEU A 15 7.40 29.16 11.58
C LEU A 15 6.19 28.89 10.66
N PRO A 16 5.11 29.71 10.79
CA PRO A 16 3.98 29.43 9.90
C PRO A 16 4.39 29.59 8.45
N TRP A 17 5.24 30.56 8.18
CA TRP A 17 5.67 30.81 6.81
C TRP A 17 6.48 29.64 6.28
N LEU A 18 7.53 29.27 7.00
CA LEU A 18 8.32 28.12 6.58
C LEU A 18 7.48 26.85 6.48
N SER A 19 6.51 26.67 7.38
CA SER A 19 5.71 25.44 7.38
C SER A 19 4.76 25.31 6.17
N SER A 20 4.58 26.40 5.41
CA SER A 20 3.63 26.33 4.31
C SER A 20 4.23 25.58 3.13
N PHE A 21 5.56 25.60 3.04
CA PHE A 21 6.24 24.91 1.97
C PHE A 21 6.37 23.43 2.31
N GLY A 22 5.54 22.60 1.69
CA GLY A 22 5.53 21.18 1.99
C GLY A 22 4.33 20.79 2.84
N ALA A 23 3.43 21.75 3.05
CA ALA A 23 2.20 21.45 3.78
C ALA A 23 1.36 20.45 2.99
N ASP A 24 0.95 19.38 3.64
CA ASP A 24 0.22 18.30 3.00
C ASP A 24 -1.28 18.47 3.27
N PRO A 25 -2.10 18.51 2.19
CA PRO A 25 -3.56 18.62 2.35
C PRO A 25 -4.11 17.54 3.25
N ALA A 26 -3.52 16.35 3.18
CA ALA A 26 -3.97 15.22 4.01
C ALA A 26 -3.52 15.31 5.48
N GLY A 27 -2.87 16.41 5.84
CA GLY A 27 -2.43 16.59 7.23
C GLY A 27 -0.93 16.80 7.40
N GLY A 28 -0.56 17.84 8.13
CA GLY A 28 0.82 18.04 8.54
C GLY A 28 1.75 18.40 7.40
N MET A 29 2.97 17.87 7.47
CA MET A 29 4.01 18.20 6.49
C MET A 29 4.45 16.97 5.72
N THR A 30 4.60 17.13 4.42
CA THR A 30 5.22 16.09 3.60
C THR A 30 6.20 16.75 2.63
N ARG A 31 7.47 16.74 3.02
CA ARG A 31 8.52 17.44 2.31
C ARG A 31 9.69 16.48 2.20
N LEU A 32 9.62 15.61 1.20
CA LEU A 32 10.58 14.54 1.05
C LEU A 32 11.80 15.02 0.27
N LEU A 33 12.93 14.36 0.51
CA LEU A 33 14.19 14.67 -0.18
C LEU A 33 14.02 14.77 -1.71
N TYR A 34 14.44 15.91 -2.26
CA TYR A 34 14.40 16.15 -3.71
C TYR A 34 13.00 16.13 -4.32
N SER A 35 11.99 16.41 -3.51
CA SER A 35 10.64 16.67 -4.02
C SER A 35 10.56 18.14 -4.40
N PRO A 36 9.53 18.51 -5.21
CA PRO A 36 9.36 19.94 -5.54
C PRO A 36 9.16 20.77 -4.28
N GLU A 37 8.53 20.17 -3.27
CA GLU A 37 8.30 20.85 -2.00
C GLU A 37 9.63 21.09 -1.31
N TRP A 38 10.48 20.07 -1.32
CA TRP A 38 11.84 20.16 -0.78
C TRP A 38 12.59 21.35 -1.39
N LEU A 39 12.57 21.41 -2.72
CA LEU A 39 13.29 22.44 -3.49
C LEU A 39 12.78 23.80 -3.13
N GLU A 40 11.46 23.95 -3.13
CA GLU A 40 10.86 25.25 -2.85
C GLU A 40 11.18 25.72 -1.43
N THR A 41 11.21 24.79 -0.49
CA THR A 41 11.57 25.14 0.89
C THR A 41 12.98 25.71 0.96
N GLN A 42 13.93 24.99 0.36
CA GLN A 42 15.32 25.39 0.40
C GLN A 42 15.52 26.70 -0.36
N GLN A 43 14.85 26.85 -1.50
CA GLN A 43 14.92 28.11 -2.25
C GLN A 43 14.42 29.27 -1.40
N GLN A 44 13.22 29.13 -0.84
CA GLN A 44 12.65 30.22 -0.05
C GLN A 44 13.47 30.51 1.19
N PHE A 45 13.89 29.45 1.88
CA PHE A 45 14.66 29.61 3.11
C PHE A 45 15.95 30.36 2.80
N LYS A 46 16.66 29.90 1.76
CA LYS A 46 17.86 30.57 1.28
C LYS A 46 17.62 32.06 1.09
N LYS A 47 16.54 32.38 0.39
CA LYS A 47 16.22 33.76 0.07
C LYS A 47 15.99 34.61 1.32
N ARG A 48 15.36 34.04 2.34
CA ARG A 48 15.11 34.77 3.58
C ARG A 48 16.38 35.00 4.40
N MET A 49 17.28 34.03 4.37
CA MET A 49 18.54 34.19 5.07
C MET A 49 19.39 35.24 4.37
N ALA A 50 19.41 35.20 3.04
CA ALA A 50 20.10 36.20 2.24
C ALA A 50 19.59 37.59 2.61
N ALA A 51 18.28 37.78 2.58
CA ALA A 51 17.67 39.08 2.87
C ALA A 51 18.06 39.60 4.25
N SER A 52 18.31 38.69 5.18
CA SER A 52 18.67 39.06 6.55
C SER A 52 20.13 39.46 6.60
N GLY A 53 20.86 39.22 5.52
CA GLY A 53 22.24 39.66 5.42
C GLY A 53 23.27 38.55 5.54
N LEU A 54 22.81 37.31 5.49
CA LEU A 54 23.75 36.20 5.53
C LEU A 54 24.22 35.83 4.13
N GLU A 55 25.48 35.40 4.06
CA GLU A 55 26.03 34.89 2.82
C GLU A 55 25.56 33.43 2.65
N THR A 56 24.77 33.18 1.62
CA THR A 56 24.16 31.87 1.46
C THR A 56 24.71 31.03 0.31
N ARG A 57 24.60 29.70 0.42
CA ARG A 57 25.12 28.79 -0.58
C ARG A 57 24.44 27.42 -0.52
N PHE A 58 24.36 26.72 -1.66
CA PHE A 58 24.13 25.28 -1.65
C PHE A 58 25.47 24.57 -1.79
N ASP A 59 25.61 23.39 -1.19
CA ASP A 59 26.74 22.53 -1.54
C ASP A 59 26.32 21.59 -2.68
N GLU A 60 27.20 20.67 -3.07
CA GLU A 60 26.93 19.81 -4.23
C GLU A 60 25.65 18.96 -4.13
N VAL A 61 25.14 18.73 -2.91
CA VAL A 61 23.96 17.87 -2.77
C VAL A 61 22.74 18.62 -2.27
N GLY A 62 22.90 19.93 -2.05
CA GLY A 62 21.78 20.75 -1.63
C GLY A 62 21.59 20.97 -0.14
N ASN A 63 22.60 20.71 0.67
CA ASN A 63 22.59 21.27 2.03
C ASN A 63 22.61 22.79 1.86
N LEU A 64 21.81 23.49 2.66
CA LEU A 64 21.70 24.95 2.58
C LEU A 64 22.45 25.63 3.73
N TYR A 65 23.32 26.57 3.40
CA TYR A 65 24.07 27.28 4.44
C TYR A 65 23.77 28.77 4.43
N GLY A 66 23.65 29.34 5.62
CA GLY A 66 23.70 30.78 5.81
C GLY A 66 24.94 31.08 6.64
N ARG A 67 25.79 31.98 6.16
CA ARG A 67 27.09 32.22 6.79
C ARG A 67 27.27 33.66 7.25
N LEU A 68 27.80 33.79 8.46
CA LEU A 68 28.21 35.09 8.99
C LEU A 68 29.68 35.00 9.33
N ASN A 69 30.51 35.73 8.59
CA ASN A 69 31.97 35.63 8.72
C ASN A 69 32.53 36.12 10.06
N GLY A 70 33.53 35.40 10.58
CA GLY A 70 34.20 35.78 11.80
C GLY A 70 35.27 36.84 11.57
N THR A 71 35.54 37.65 12.59
CA THR A 71 36.49 38.75 12.43
C THR A 71 37.91 38.34 12.74
N GLU A 72 38.08 37.47 13.74
CA GLU A 72 39.39 37.08 14.22
C GLU A 72 39.84 35.69 13.74
N TYR A 73 38.88 34.77 13.54
CA TYR A 73 39.23 33.42 13.06
C TYR A 73 38.25 32.96 11.99
N PRO A 74 38.24 33.63 10.84
CA PRO A 74 37.25 33.31 9.80
C PRO A 74 37.34 31.86 9.31
N GLN A 75 38.44 31.17 9.61
CA GLN A 75 38.64 29.81 9.12
C GLN A 75 38.02 28.78 10.05
N GLU A 76 37.71 29.18 11.27
CA GLU A 76 37.01 28.29 12.21
C GLU A 76 35.50 28.50 12.10
N VAL A 77 34.77 27.41 11.93
CA VAL A 77 33.33 27.52 11.75
C VAL A 77 32.58 26.85 12.90
N VAL A 78 31.71 27.60 13.53
CA VAL A 78 30.77 27.05 14.49
C VAL A 78 29.42 26.87 13.81
N LEU A 79 28.99 25.62 13.68
CA LEU A 79 27.82 25.27 12.88
C LEU A 79 26.62 24.91 13.76
N SER A 80 25.43 25.28 13.32
CA SER A 80 24.20 24.90 13.99
C SER A 80 23.07 24.77 12.96
N GLY A 81 22.14 23.87 13.23
CA GLY A 81 21.07 23.61 12.28
C GLY A 81 20.60 22.18 12.39
N SER A 82 19.83 21.74 11.39
CA SER A 82 19.17 20.45 11.44
C SER A 82 18.66 20.12 10.03
N HIS A 83 17.93 19.03 9.88
CA HIS A 83 17.42 18.63 8.56
C HIS A 83 16.12 19.36 8.16
N ILE A 84 15.91 19.67 6.87
CA ILE A 84 14.62 20.25 6.47
C ILE A 84 13.58 19.23 6.05
N ASP A 85 13.99 18.00 5.72
CA ASP A 85 13.05 17.01 5.24
C ASP A 85 12.10 16.51 6.35
N THR A 86 11.06 15.80 5.95
CA THR A 86 10.06 15.29 6.89
C THR A 86 9.71 13.85 6.56
N VAL A 87 8.90 13.22 7.42
CA VAL A 87 8.27 11.98 7.03
C VAL A 87 6.97 12.32 6.28
N VAL A 88 6.21 11.31 5.84
CA VAL A 88 4.91 11.56 5.24
C VAL A 88 3.88 11.90 6.33
N ASN A 89 3.17 13.01 6.17
CA ASN A 89 2.27 13.54 7.20
C ASN A 89 2.97 13.73 8.54
N GLY A 90 4.12 14.40 8.51
CA GLY A 90 4.86 14.68 9.72
C GLY A 90 4.39 15.99 10.34
N GLY A 91 5.07 16.41 11.40
CA GLY A 91 4.78 17.67 12.05
C GLY A 91 5.68 18.76 11.53
N ASN A 92 5.52 19.98 12.04
CA ASN A 92 6.25 21.11 11.53
C ASN A 92 7.42 21.56 12.43
N LEU A 93 7.83 20.69 13.35
CA LEU A 93 8.94 21.02 14.26
C LEU A 93 10.16 20.12 14.07
N ASP A 94 9.91 18.81 13.93
CA ASP A 94 10.94 17.82 13.61
C ASP A 94 11.78 18.31 12.43
N GLY A 95 13.07 18.45 12.65
CA GLY A 95 13.97 18.95 11.62
C GLY A 95 14.00 20.46 11.49
N GLN A 96 13.02 21.00 10.77
CA GLN A 96 13.06 22.40 10.37
C GLN A 96 13.19 23.37 11.54
N PHE A 97 12.64 23.06 12.71
CA PHE A 97 12.72 24.03 13.79
C PHE A 97 14.16 24.36 14.20
N GLY A 98 15.04 23.37 14.15
CA GLY A 98 16.43 23.57 14.50
C GLY A 98 17.22 24.39 13.50
N ALA A 99 16.82 24.31 12.23
CA ALA A 99 17.40 25.12 11.17
C ALA A 99 16.91 26.57 11.31
N LEU A 100 15.60 26.71 11.49
CA LEU A 100 15.01 28.01 11.73
C LEU A 100 15.63 28.66 12.96
N ALA A 101 15.75 27.89 14.05
CA ALA A 101 16.29 28.39 15.31
C ALA A 101 17.72 28.89 15.17
N ALA A 102 18.55 28.12 14.48
CA ALA A 102 19.95 28.49 14.31
C ALA A 102 20.01 29.84 13.60
N TRP A 103 19.18 30.00 12.57
CA TRP A 103 19.09 31.26 11.86
C TRP A 103 18.65 32.41 12.77
N LEU A 104 17.57 32.20 13.53
CA LEU A 104 17.08 33.24 14.44
C LEU A 104 18.08 33.60 15.52
N ALA A 105 18.84 32.61 15.98
CA ALA A 105 19.81 32.80 17.04
C ALA A 105 20.93 33.66 16.51
N ILE A 106 21.47 33.25 15.37
CA ILE A 106 22.54 33.98 14.72
C ILE A 106 22.14 35.41 14.38
N ASP A 107 20.98 35.58 13.78
CA ASP A 107 20.50 36.89 13.37
C ASP A 107 20.38 37.83 14.56
N TRP A 108 19.88 37.31 15.68
CA TRP A 108 19.77 38.09 16.89
C TRP A 108 21.14 38.43 17.49
N LEU A 109 22.03 37.45 17.57
CA LEU A 109 23.38 37.68 18.07
C LEU A 109 24.08 38.75 17.23
N LYS A 110 23.91 38.64 15.92
CA LYS A 110 24.49 39.59 14.97
C LYS A 110 24.04 41.01 15.26
N THR A 111 22.76 41.17 15.58
CA THR A 111 22.21 42.49 15.81
C THR A 111 22.65 43.04 17.18
N GLN A 112 22.71 42.17 18.18
CA GLN A 112 23.10 42.61 19.52
C GLN A 112 24.61 42.88 19.65
N TYR A 113 25.43 42.00 19.08
CA TYR A 113 26.85 42.03 19.37
C TYR A 113 27.78 42.12 18.17
N GLY A 114 27.24 42.45 17.00
CA GLY A 114 28.05 42.55 15.80
C GLY A 114 28.67 41.22 15.38
N ALA A 115 29.64 41.29 14.46
CA ALA A 115 30.27 40.09 13.92
C ALA A 115 30.91 39.22 15.00
N PRO A 116 30.89 37.89 14.80
CA PRO A 116 31.47 36.95 15.77
C PRO A 116 32.99 36.87 15.61
N LEU A 117 33.69 36.37 16.62
CA LEU A 117 35.12 36.15 16.52
C LEU A 117 35.44 35.15 15.40
N ARG A 118 34.84 33.96 15.52
CA ARG A 118 34.95 32.95 14.48
C ARG A 118 33.65 32.88 13.69
N THR A 119 33.74 32.41 12.46
CA THR A 119 32.58 32.26 11.59
C THR A 119 31.49 31.35 12.18
N VAL A 120 30.22 31.79 12.10
CA VAL A 120 29.08 30.95 12.43
C VAL A 120 28.27 30.65 11.18
N GLU A 121 27.72 29.43 11.11
CA GLU A 121 26.85 29.05 10.00
C GLU A 121 25.53 28.43 10.49
N VAL A 122 24.45 28.77 9.81
CA VAL A 122 23.21 28.01 9.87
C VAL A 122 23.30 26.95 8.78
N VAL A 123 22.90 25.72 9.08
CA VAL A 123 22.72 24.74 8.01
C VAL A 123 21.30 24.16 8.02
N ALA A 124 20.76 23.94 6.85
CA ALA A 124 19.51 23.19 6.67
C ALA A 124 19.84 21.98 5.84
N MET A 125 19.99 20.84 6.48
CA MET A 125 20.51 19.68 5.78
C MET A 125 19.48 18.97 4.89
N ALA A 126 19.98 18.42 3.79
CA ALA A 126 19.14 17.86 2.73
C ALA A 126 18.14 16.78 3.18
N GLU A 127 18.64 15.75 3.87
CA GLU A 127 17.77 14.73 4.43
C GLU A 127 18.41 13.94 5.55
N ALA A 128 17.59 13.70 6.57
CA ALA A 128 17.98 12.88 7.69
C ALA A 128 16.85 11.92 8.03
N GLU A 129 15.70 12.05 7.38
CA GLU A 129 14.56 11.18 7.68
C GLU A 129 14.61 9.80 7.02
N GLY A 130 15.28 9.70 5.88
CA GLY A 130 15.34 8.44 5.15
C GLY A 130 13.94 7.93 4.81
N SER A 131 13.07 8.87 4.42
CA SER A 131 11.65 8.62 4.29
C SER A 131 11.13 8.50 2.84
N ARG A 132 12.00 8.75 1.87
CA ARG A 132 11.61 8.64 0.46
C ARG A 132 12.40 7.54 -0.28
N PHE A 133 13.72 7.53 -0.09
CA PHE A 133 14.62 6.55 -0.69
C PHE A 133 15.21 5.67 0.40
N PRO A 134 15.69 4.46 0.05
CA PRO A 134 16.30 3.63 1.09
C PRO A 134 17.76 4.02 1.35
N TYR A 135 17.92 5.26 1.81
CA TYR A 135 19.19 5.81 2.25
C TYR A 135 18.90 6.84 3.35
N VAL A 136 19.79 6.98 4.33
CA VAL A 136 19.61 7.97 5.39
C VAL A 136 20.80 8.91 5.51
N PHE A 137 20.53 10.12 5.97
CA PHE A 137 21.55 11.15 6.21
C PHE A 137 22.34 11.49 4.94
N TRP A 138 21.67 11.48 3.79
CA TRP A 138 22.28 11.96 2.54
C TRP A 138 22.90 13.33 2.69
N GLY A 139 22.29 14.19 3.50
CA GLY A 139 22.81 15.53 3.69
C GLY A 139 24.11 15.58 4.48
N SER A 140 24.06 15.15 5.74
CA SER A 140 25.21 15.26 6.61
C SER A 140 26.36 14.34 6.22
N LYS A 141 26.06 13.14 5.74
CA LYS A 141 27.12 12.22 5.31
C LYS A 141 27.97 12.84 4.18
N ASN A 142 27.32 13.56 3.29
CA ASN A 142 28.06 14.27 2.23
C ASN A 142 28.94 15.41 2.73
N ILE A 143 28.54 16.04 3.83
CA ILE A 143 29.36 17.10 4.42
C ILE A 143 30.74 16.56 4.80
N PHE A 144 30.80 15.29 5.19
CA PHE A 144 32.08 14.69 5.57
C PHE A 144 32.62 13.66 4.58
N GLY A 145 32.08 13.66 3.36
CA GLY A 145 32.54 12.76 2.33
C GLY A 145 32.30 11.30 2.64
N LEU A 146 31.33 11.04 3.52
CA LEU A 146 31.02 9.67 3.93
C LEU A 146 30.01 9.02 3.00
N ALA A 147 29.35 9.82 2.16
CA ALA A 147 28.34 9.30 1.25
C ALA A 147 28.95 8.79 -0.06
N ASN A 148 28.75 7.51 -0.33
CA ASN A 148 29.17 6.91 -1.61
C ASN A 148 28.03 7.00 -2.62
N PRO A 149 28.26 7.71 -3.73
CA PRO A 149 27.21 7.87 -4.75
C PRO A 149 26.74 6.54 -5.37
N ASP A 150 27.55 5.48 -5.28
CA ASP A 150 27.14 4.16 -5.77
C ASP A 150 25.98 3.59 -4.97
N ASP A 151 25.86 4.04 -3.73
CA ASP A 151 24.81 3.57 -2.85
C ASP A 151 23.43 4.15 -3.20
N VAL A 152 23.39 5.23 -3.99
CA VAL A 152 22.10 5.82 -4.41
C VAL A 152 21.92 5.90 -5.91
N ARG A 153 22.94 5.51 -6.68
CA ARG A 153 22.86 5.60 -8.13
C ARG A 153 21.73 4.72 -8.71
N ASN A 154 21.44 3.60 -8.04
CA ASN A 154 20.43 2.64 -8.51
C ASN A 154 19.19 2.48 -7.62
N ILE A 155 18.86 3.48 -6.81
CA ILE A 155 17.71 3.35 -5.94
C ILE A 155 16.57 4.27 -6.36
N CYS A 156 15.35 3.87 -5.99
CA CYS A 156 14.12 4.53 -6.40
C CYS A 156 13.24 4.73 -5.18
N ASP A 157 12.27 5.65 -5.27
CA ASP A 157 11.22 5.72 -4.27
C ASP A 157 10.09 4.73 -4.57
N ALA A 158 9.09 4.70 -3.68
CA ALA A 158 7.96 3.78 -3.81
C ALA A 158 7.23 3.86 -5.17
N LYS A 159 7.26 5.02 -5.81
CA LYS A 159 6.55 5.22 -7.06
C LYS A 159 7.46 5.10 -8.29
N GLY A 160 8.67 4.57 -8.09
CA GLY A 160 9.58 4.31 -9.18
C GLY A 160 10.40 5.48 -9.70
N ASN A 161 10.35 6.64 -9.04
CA ASN A 161 11.26 7.74 -9.37
C ASN A 161 12.66 7.42 -8.85
N SER A 162 13.66 7.54 -9.72
CA SER A 162 15.03 7.27 -9.29
C SER A 162 15.61 8.44 -8.49
N PHE A 163 16.48 8.13 -7.54
CA PHE A 163 17.22 9.13 -6.80
C PHE A 163 17.88 10.11 -7.77
N VAL A 164 18.54 9.57 -8.79
CA VAL A 164 19.33 10.41 -9.70
C VAL A 164 18.44 11.42 -10.41
N ASP A 165 17.29 10.97 -10.88
CA ASP A 165 16.34 11.86 -11.56
C ASP A 165 15.80 12.97 -10.67
N ALA A 166 15.42 12.62 -9.45
CA ALA A 166 14.83 13.59 -8.53
C ALA A 166 15.84 14.67 -8.18
N MET A 167 17.06 14.22 -7.90
CA MET A 167 18.18 15.11 -7.60
C MET A 167 18.39 16.07 -8.77
N LYS A 168 18.48 15.51 -9.98
CA LYS A 168 18.67 16.32 -11.17
C LYS A 168 17.51 17.29 -11.35
N ALA A 169 16.29 16.83 -11.06
CA ALA A 169 15.11 17.69 -11.14
C ALA A 169 15.22 18.89 -10.18
N CYS A 170 16.03 18.74 -9.14
CA CYS A 170 16.21 19.83 -8.19
C CYS A 170 17.47 20.63 -8.50
N GLY A 171 18.11 20.30 -9.60
CA GLY A 171 19.20 21.11 -10.10
C GLY A 171 20.54 20.71 -9.51
N PHE A 172 20.63 19.46 -9.09
CA PHE A 172 21.87 18.98 -8.49
C PHE A 172 22.34 17.75 -9.26
N THR A 173 23.65 17.56 -9.32
CA THR A 173 24.22 16.45 -10.08
C THR A 173 24.88 15.48 -9.13
N LEU A 174 24.47 14.21 -9.22
CA LEU A 174 25.07 13.19 -8.40
C LEU A 174 26.58 13.21 -8.65
N PRO A 175 27.38 13.38 -7.60
CA PRO A 175 28.83 13.41 -7.81
C PRO A 175 29.37 12.05 -8.24
N ASN A 176 30.52 12.05 -8.89
CA ASN A 176 31.12 10.81 -9.39
C ASN A 176 31.79 9.98 -8.31
N ALA A 177 32.11 10.63 -7.20
CA ALA A 177 32.84 9.99 -6.11
C ALA A 177 32.49 10.76 -4.83
N PRO A 178 32.82 10.20 -3.65
CA PRO A 178 32.54 10.96 -2.42
C PRO A 178 33.15 12.34 -2.43
N LEU A 179 32.49 13.26 -1.75
CA LEU A 179 32.88 14.65 -1.68
C LEU A 179 34.08 14.88 -0.74
N THR A 180 34.70 16.05 -0.87
CA THR A 180 35.77 16.44 0.05
C THR A 180 35.17 16.79 1.40
N PRO A 181 35.59 16.07 2.46
CA PRO A 181 35.08 16.35 3.80
C PRO A 181 35.49 17.74 4.28
N ARG A 182 34.59 18.46 4.95
CA ARG A 182 34.93 19.75 5.55
C ARG A 182 35.93 19.54 6.69
N GLN A 183 36.89 20.45 6.78
CA GLN A 183 37.90 20.39 7.83
C GLN A 183 37.83 21.61 8.73
N ASP A 184 37.00 22.57 8.33
CA ASP A 184 36.93 23.86 9.02
C ASP A 184 35.93 23.96 10.17
N ILE A 185 35.23 22.87 10.48
CA ILE A 185 34.20 22.95 11.52
C ILE A 185 34.77 22.69 12.91
N LYS A 186 34.56 23.64 13.81
CA LYS A 186 35.09 23.56 15.17
C LYS A 186 34.11 22.89 16.12
N ALA A 187 32.82 23.12 15.92
CA ALA A 187 31.79 22.53 16.76
C ALA A 187 30.46 22.56 16.02
N PHE A 188 29.59 21.62 16.37
CA PHE A 188 28.25 21.60 15.81
C PHE A 188 27.26 21.50 16.94
N VAL A 189 26.25 22.35 16.90
CA VAL A 189 25.22 22.33 17.93
C VAL A 189 23.84 22.23 17.27
N GLU A 190 23.11 21.17 17.58
CA GLU A 190 21.81 20.93 16.98
C GLU A 190 20.70 21.10 18.01
N LEU A 191 19.88 22.13 17.85
CA LEU A 191 18.66 22.24 18.66
C LEU A 191 17.57 21.38 18.02
N HIS A 192 16.79 20.66 18.84
CA HIS A 192 15.76 19.78 18.31
C HIS A 192 14.66 19.52 19.33
N ILE A 193 13.42 19.29 18.88
CA ILE A 193 12.39 18.79 19.80
C ILE A 193 12.72 17.38 20.23
N GLU A 194 12.44 17.07 21.50
CA GLU A 194 12.69 15.74 22.08
C GLU A 194 11.99 14.61 21.33
N GLN A 195 10.77 14.89 20.87
CA GLN A 195 9.93 13.92 20.14
C GLN A 195 9.22 12.90 21.04
N GLY A 196 9.86 12.49 22.13
CA GLY A 196 9.23 11.67 23.15
C GLY A 196 8.65 12.54 24.26
N CYS A 197 8.22 11.93 25.36
CA CYS A 197 7.60 12.72 26.43
C CYS A 197 8.40 12.70 27.73
N VAL A 198 9.70 12.48 27.63
CA VAL A 198 10.51 12.40 28.84
C VAL A 198 10.58 13.75 29.55
N LEU A 199 10.87 14.81 28.80
CA LEU A 199 10.91 16.16 29.38
C LEU A 199 9.54 16.56 29.94
N GLU A 200 8.50 16.41 29.13
CA GLU A 200 7.16 16.81 29.56
C GLU A 200 6.70 16.04 30.80
N SER A 201 6.87 14.73 30.81
CA SER A 201 6.40 13.95 31.95
C SER A 201 7.17 14.20 33.26
N ASN A 202 8.42 14.66 33.17
CA ASN A 202 9.18 14.99 34.37
C ASN A 202 9.19 16.49 34.66
N GLY A 203 8.45 17.26 33.88
CA GLY A 203 8.32 18.69 34.13
C GLY A 203 9.53 19.54 33.79
N GLN A 204 10.48 19.00 33.04
CA GLN A 204 11.70 19.73 32.69
C GLN A 204 11.62 20.43 31.32
N SER A 205 12.38 21.51 31.15
CA SER A 205 12.30 22.40 29.97
C SER A 205 13.36 22.21 28.88
N ILE A 206 14.54 21.72 29.26
CA ILE A 206 15.66 21.60 28.35
C ILE A 206 16.26 20.22 28.57
N GLY A 207 16.58 19.53 27.48
CA GLY A 207 17.29 18.28 27.53
C GLY A 207 18.72 18.48 27.07
N VAL A 208 19.67 18.07 27.91
CA VAL A 208 21.07 18.03 27.51
C VAL A 208 21.37 16.62 27.04
N VAL A 209 21.50 16.43 25.73
CA VAL A 209 21.69 15.10 25.14
C VAL A 209 23.12 14.60 25.25
N ASN A 210 23.30 13.42 25.82
CA ASN A 210 24.66 12.89 25.96
C ASN A 210 24.99 11.72 25.05
N ALA A 211 23.98 11.21 24.35
CA ALA A 211 24.17 10.07 23.44
C ALA A 211 22.96 9.90 22.51
N ILE A 212 23.15 9.22 21.39
CA ILE A 212 22.09 8.96 20.43
C ILE A 212 22.03 7.46 20.18
N VAL A 213 20.83 6.90 20.02
CA VAL A 213 20.70 5.45 19.88
C VAL A 213 21.31 4.90 18.60
N GLY A 214 21.63 3.62 18.63
CA GLY A 214 21.99 2.89 17.43
C GLY A 214 20.69 2.56 16.71
N GLN A 215 20.76 2.26 15.42
CA GLN A 215 19.55 2.13 14.62
C GLN A 215 19.77 1.30 13.36
N ARG A 216 18.89 0.33 13.13
CA ARG A 216 18.89 -0.42 11.88
C ARG A 216 17.57 -0.25 11.13
N ARG A 217 17.66 -0.11 9.81
CA ARG A 217 16.48 -0.17 8.95
C ARG A 217 16.65 -1.21 7.86
N TYR A 218 15.62 -2.03 7.68
CA TYR A 218 15.63 -3.04 6.64
C TYR A 218 14.47 -2.83 5.66
N THR A 219 14.67 -3.23 4.42
CA THR A 219 13.55 -3.48 3.51
C THR A 219 13.57 -4.98 3.24
N VAL A 220 12.46 -5.64 3.54
CA VAL A 220 12.37 -7.08 3.31
C VAL A 220 11.34 -7.37 2.23
N THR A 221 11.71 -8.25 1.29
CA THR A 221 10.82 -8.66 0.20
C THR A 221 10.47 -10.14 0.29
N LEU A 222 9.18 -10.42 0.44
CA LEU A 222 8.71 -11.80 0.45
C LEU A 222 8.16 -12.17 -0.93
N ASN A 223 8.58 -13.32 -1.44
CA ASN A 223 8.12 -13.81 -2.74
C ASN A 223 7.43 -15.17 -2.65
N GLY A 224 6.12 -15.18 -2.83
CA GLY A 224 5.34 -16.41 -2.74
C GLY A 224 4.69 -16.69 -4.08
N GLU A 225 3.38 -16.91 -4.07
CA GLU A 225 2.65 -17.12 -5.32
C GLU A 225 1.26 -16.50 -5.27
N SER A 226 1.01 -15.57 -6.20
CA SER A 226 -0.31 -14.97 -6.35
C SER A 226 -1.29 -16.01 -6.84
N ASN A 227 -2.42 -16.12 -6.16
CA ASN A 227 -3.44 -17.04 -6.64
C ASN A 227 -4.86 -16.62 -6.27
N HIS A 228 -5.84 -17.42 -6.68
CA HIS A 228 -7.25 -17.09 -6.53
C HIS A 228 -7.69 -17.31 -5.09
N ALA A 229 -8.35 -16.32 -4.49
CA ALA A 229 -8.68 -16.40 -3.06
C ALA A 229 -9.71 -17.46 -2.73
N GLY A 230 -10.47 -17.85 -3.74
CA GLY A 230 -11.56 -18.77 -3.53
C GLY A 230 -11.20 -20.20 -3.88
N THR A 231 -10.51 -20.38 -4.99
CA THR A 231 -10.28 -21.73 -5.50
C THR A 231 -8.97 -22.37 -5.04
N THR A 232 -8.11 -21.60 -4.35
CA THR A 232 -6.81 -22.11 -3.91
C THR A 232 -6.94 -22.64 -2.49
N PRO A 233 -6.89 -23.97 -2.31
CA PRO A 233 -6.98 -24.56 -0.96
C PRO A 233 -5.95 -23.92 -0.05
N MET A 234 -6.27 -23.77 1.24
CA MET A 234 -5.38 -23.09 2.17
C MET A 234 -4.00 -23.72 2.25
N GLY A 235 -3.92 -25.04 2.15
CA GLY A 235 -2.68 -25.76 2.33
C GLY A 235 -1.79 -25.76 1.10
N TYR A 236 -2.26 -25.15 0.01
CA TYR A 236 -1.45 -25.07 -1.20
C TYR A 236 -0.93 -23.64 -1.40
N ARG A 237 -1.24 -22.75 -0.47
CA ARG A 237 -0.95 -21.33 -0.68
C ARG A 237 0.50 -20.95 -0.39
N ARG A 238 0.96 -19.89 -1.06
CA ARG A 238 2.19 -19.23 -0.63
C ARG A 238 1.93 -17.73 -0.41
N ASP A 239 1.20 -17.47 0.67
CA ASP A 239 0.62 -16.18 0.98
C ASP A 239 1.63 -15.27 1.69
N THR A 240 2.09 -14.23 1.01
CA THR A 240 3.09 -13.34 1.61
C THR A 240 2.57 -12.41 2.71
N VAL A 241 1.26 -12.16 2.77
CA VAL A 241 0.74 -11.31 3.83
C VAL A 241 0.60 -12.13 5.12
N TYR A 242 0.19 -13.37 4.98
CA TYR A 242 0.17 -14.29 6.11
C TYR A 242 1.59 -14.50 6.68
N ALA A 243 2.56 -14.69 5.79
CA ALA A 243 3.95 -14.82 6.21
C ALA A 243 4.42 -13.54 6.90
N PHE A 244 4.15 -12.39 6.29
CA PHE A 244 4.48 -11.13 6.91
C PHE A 244 3.90 -11.05 8.32
N SER A 245 2.64 -11.46 8.46
CA SER A 245 1.96 -11.26 9.74
C SER A 245 2.58 -12.11 10.86
N ARG A 246 2.98 -13.33 10.53
CA ARG A 246 3.66 -14.18 11.51
C ARG A 246 4.97 -13.53 11.95
N ILE A 247 5.69 -12.97 10.98
CA ILE A 247 6.96 -12.31 11.25
C ILE A 247 6.74 -11.10 12.14
N CYS A 248 5.78 -10.27 11.78
CA CYS A 248 5.50 -9.07 12.56
C CYS A 248 5.02 -9.41 13.97
N HIS A 249 4.08 -10.34 14.07
CA HIS A 249 3.49 -10.72 15.34
C HIS A 249 4.56 -11.27 16.27
N GLN A 250 5.31 -12.26 15.78
CA GLN A 250 6.32 -12.92 16.62
C GLN A 250 7.42 -11.96 17.06
N SER A 251 7.90 -11.15 16.12
CA SER A 251 9.02 -10.26 16.36
C SER A 251 8.67 -9.13 17.33
N VAL A 252 7.50 -8.53 17.16
CA VAL A 252 7.08 -7.51 18.09
C VAL A 252 6.97 -8.10 19.50
N GLU A 253 6.44 -9.32 19.57
CA GLU A 253 6.33 -10.06 20.83
C GLU A 253 7.71 -10.21 21.50
N LYS A 254 8.68 -10.70 20.74
CA LYS A 254 10.04 -10.79 21.23
C LYS A 254 10.58 -9.45 21.74
N ALA A 255 10.38 -8.39 20.95
CA ALA A 255 10.89 -7.06 21.35
C ALA A 255 10.27 -6.63 22.66
N LYS A 256 9.00 -6.93 22.83
CA LYS A 256 8.32 -6.55 24.07
C LYS A 256 8.89 -7.28 25.28
N ARG A 257 9.35 -8.50 25.08
CA ARG A 257 10.03 -9.23 26.14
C ARG A 257 11.41 -8.64 26.47
N MET A 258 12.09 -8.03 25.50
CA MET A 258 13.38 -7.40 25.79
C MET A 258 13.20 -6.14 26.63
N GLY A 259 12.08 -5.46 26.44
CA GLY A 259 11.79 -4.25 27.20
C GLY A 259 12.59 -3.04 26.71
N ASP A 260 12.23 -1.87 27.25
CA ASP A 260 12.94 -0.62 27.02
C ASP A 260 14.44 -0.79 27.24
N PRO A 261 15.25 -0.13 26.39
CA PRO A 261 14.82 0.78 25.33
C PRO A 261 14.73 0.15 23.94
N LEU A 262 14.63 -1.17 23.84
CA LEU A 262 14.44 -1.77 22.53
C LEU A 262 13.13 -1.27 21.94
N VAL A 263 13.18 -0.82 20.71
CA VAL A 263 11.97 -0.46 19.97
C VAL A 263 12.03 -1.16 18.61
N LEU A 264 10.87 -1.54 18.09
CA LEU A 264 10.80 -2.28 16.85
C LEU A 264 9.50 -1.92 16.15
N THR A 265 9.62 -1.53 14.89
CA THR A 265 8.51 -0.98 14.13
C THR A 265 8.47 -1.57 12.73
N PHE A 266 7.33 -2.13 12.36
CA PHE A 266 7.07 -2.55 10.98
C PHE A 266 6.14 -1.50 10.36
N GLY A 267 6.73 -0.43 9.82
CA GLY A 267 5.94 0.76 9.50
C GLY A 267 5.33 0.78 8.11
N LYS A 268 5.97 0.05 7.19
CA LYS A 268 5.55 0.08 5.80
C LYS A 268 5.35 -1.34 5.27
N VAL A 269 4.18 -1.59 4.70
CA VAL A 269 3.82 -2.89 4.15
C VAL A 269 3.22 -2.68 2.77
N GLU A 270 3.76 -3.35 1.76
CA GLU A 270 3.16 -3.27 0.41
C GLU A 270 2.97 -4.64 -0.24
N PRO A 271 1.77 -5.22 -0.07
CA PRO A 271 1.44 -6.48 -0.73
C PRO A 271 1.12 -6.22 -2.20
N ARG A 272 1.32 -7.23 -3.04
CA ARG A 272 1.02 -7.12 -4.46
C ARG A 272 0.29 -8.40 -4.86
N PRO A 273 -0.78 -8.27 -5.65
CA PRO A 273 -1.25 -7.01 -6.25
C PRO A 273 -2.10 -6.17 -5.30
N ASN A 274 -2.26 -6.62 -4.05
CA ASN A 274 -3.02 -5.86 -3.05
C ASN A 274 -4.51 -5.78 -3.39
N THR A 275 -5.12 -6.94 -3.63
CA THR A 275 -6.53 -7.03 -4.04
C THR A 275 -7.28 -8.01 -3.12
N VAL A 276 -8.53 -7.69 -2.79
CA VAL A 276 -9.33 -8.50 -1.87
C VAL A 276 -9.39 -10.01 -2.17
N ASN A 277 -9.57 -10.38 -3.43
CA ASN A 277 -9.73 -11.78 -3.83
C ASN A 277 -8.48 -12.34 -4.54
N VAL A 278 -7.31 -11.84 -4.15
CA VAL A 278 -6.07 -12.38 -4.67
C VAL A 278 -5.12 -12.68 -3.51
N VAL A 279 -4.77 -13.96 -3.36
CA VAL A 279 -3.67 -14.34 -2.46
C VAL A 279 -2.46 -13.58 -2.97
N PRO A 280 -1.87 -12.75 -2.09
CA PRO A 280 -0.78 -11.84 -2.48
C PRO A 280 0.54 -12.59 -2.64
N GLY A 281 1.07 -12.60 -3.86
CA GLY A 281 2.26 -13.37 -4.18
C GLY A 281 3.55 -12.63 -3.89
N LYS A 282 3.43 -11.40 -3.42
CA LYS A 282 4.61 -10.64 -3.04
C LYS A 282 4.24 -9.63 -1.95
N THR A 283 5.11 -9.47 -0.96
CA THR A 283 4.96 -8.40 0.02
C THR A 283 6.32 -7.82 0.32
N THR A 284 6.40 -6.50 0.26
CA THR A 284 7.59 -5.76 0.66
C THR A 284 7.25 -4.98 1.91
N PHE A 285 8.11 -5.05 2.93
CA PHE A 285 7.88 -4.34 4.18
C PHE A 285 9.18 -3.84 4.76
N THR A 286 9.08 -2.91 5.71
CA THR A 286 10.26 -2.35 6.32
C THR A 286 10.37 -2.77 7.78
N ILE A 287 11.59 -2.71 8.30
CA ILE A 287 11.86 -2.92 9.71
C ILE A 287 12.68 -1.74 10.21
N ASP A 288 12.28 -1.18 11.34
CA ASP A 288 13.02 -0.12 11.99
C ASP A 288 13.24 -0.66 13.41
N CYS A 289 14.48 -0.66 13.87
CA CYS A 289 14.83 -1.24 15.18
C CYS A 289 16.00 -0.49 15.84
N ARG A 290 15.84 -0.12 17.10
CA ARG A 290 16.82 0.75 17.74
C ARG A 290 17.06 0.33 19.19
N HIS A 291 18.21 0.73 19.72
CA HIS A 291 18.61 0.45 21.09
C HIS A 291 19.80 1.35 21.45
N THR A 292 20.00 1.60 22.74
CA THR A 292 21.17 2.36 23.20
C THR A 292 22.49 1.57 23.15
N ASP A 293 22.40 0.25 23.04
CA ASP A 293 23.59 -0.60 23.05
C ASP A 293 23.77 -1.30 21.70
N ALA A 294 24.93 -1.13 21.08
CA ALA A 294 25.19 -1.71 19.76
C ALA A 294 25.06 -3.23 19.70
N ALA A 295 25.52 -3.91 20.75
CA ALA A 295 25.53 -5.36 20.77
C ALA A 295 24.13 -5.93 20.88
N VAL A 296 23.34 -5.37 21.78
CA VAL A 296 21.95 -5.75 21.89
C VAL A 296 21.25 -5.54 20.55
N LEU A 297 21.42 -4.36 19.94
CA LEU A 297 20.81 -4.12 18.63
C LEU A 297 21.25 -5.14 17.58
N ARG A 298 22.53 -5.44 17.53
CA ARG A 298 23.03 -6.44 16.57
C ARG A 298 22.48 -7.83 16.83
N ASP A 299 22.59 -8.29 18.07
CA ASP A 299 22.16 -9.63 18.43
C ASP A 299 20.67 -9.81 18.18
N PHE A 300 19.89 -8.80 18.57
CA PHE A 300 18.45 -8.91 18.42
C PHE A 300 18.03 -8.93 16.97
N THR A 301 18.57 -8.01 16.17
CA THR A 301 18.21 -7.96 14.75
C THR A 301 18.68 -9.18 13.98
N GLN A 302 19.87 -9.68 14.30
CA GLN A 302 20.36 -10.90 13.64
C GLN A 302 19.46 -12.09 13.93
N GLN A 303 18.98 -12.17 15.16
CA GLN A 303 18.00 -13.17 15.54
C GLN A 303 16.74 -13.02 14.71
N LEU A 304 16.34 -11.78 14.48
CA LEU A 304 15.16 -11.48 13.68
C LEU A 304 15.35 -11.94 12.25
N GLU A 305 16.54 -11.72 11.71
CA GLU A 305 16.84 -12.19 10.37
C GLU A 305 16.76 -13.72 10.30
N ASN A 306 17.29 -14.40 11.31
CA ASN A 306 17.19 -15.87 11.32
C ASN A 306 15.74 -16.32 11.41
N ASP A 307 14.99 -15.67 12.28
CA ASP A 307 13.58 -15.97 12.46
C ASP A 307 12.80 -15.85 11.16
N MET A 308 13.04 -14.76 10.42
CA MET A 308 12.38 -14.53 9.15
C MET A 308 12.73 -15.60 8.12
N ARG A 309 14.02 -15.91 8.03
CA ARG A 309 14.45 -16.96 7.10
C ARG A 309 13.86 -18.30 7.49
N ALA A 310 13.73 -18.56 8.79
CA ALA A 310 13.15 -19.82 9.26
C ALA A 310 11.68 -19.95 8.84
N ILE A 311 10.89 -18.93 9.14
CA ILE A 311 9.47 -18.89 8.77
C ILE A 311 9.30 -19.07 7.28
N CYS A 312 10.03 -18.28 6.50
CA CYS A 312 9.90 -18.32 5.05
C CYS A 312 10.28 -19.66 4.46
N ASP A 313 11.35 -20.24 5.00
CA ASP A 313 11.85 -21.52 4.52
C ASP A 313 10.75 -22.57 4.75
N GLU A 314 10.17 -22.54 5.94
CA GLU A 314 9.12 -23.45 6.33
C GLU A 314 7.88 -23.26 5.47
N MET A 315 7.66 -22.03 5.01
CA MET A 315 6.48 -21.74 4.19
C MET A 315 6.77 -21.82 2.70
N ASP A 316 8.02 -22.13 2.35
CA ASP A 316 8.41 -22.23 0.95
C ASP A 316 8.27 -20.89 0.25
N ILE A 317 8.67 -19.83 0.93
CA ILE A 317 8.56 -18.47 0.39
C ILE A 317 9.94 -17.81 0.33
N GLY A 318 10.27 -17.23 -0.83
CA GLY A 318 11.53 -16.56 -1.00
C GLY A 318 11.63 -15.31 -0.14
N ILE A 319 12.82 -15.03 0.40
CA ILE A 319 13.04 -13.81 1.16
C ILE A 319 14.34 -13.11 0.75
N ASP A 320 14.24 -11.80 0.55
CA ASP A 320 15.39 -10.94 0.37
C ASP A 320 15.43 -9.93 1.52
N ILE A 321 16.51 -9.97 2.31
CA ILE A 321 16.67 -9.06 3.44
C ILE A 321 17.70 -8.00 3.10
N ASP A 322 17.26 -6.74 3.05
CA ASP A 322 18.14 -5.64 2.65
C ASP A 322 18.37 -4.64 3.79
N LEU A 323 19.54 -4.74 4.42
CA LEU A 323 19.93 -3.83 5.50
C LEU A 323 20.54 -2.57 4.86
N TRP A 324 19.80 -1.47 4.89
CA TRP A 324 20.24 -0.23 4.25
C TRP A 324 20.52 0.91 5.23
N MET A 325 20.29 0.67 6.52
CA MET A 325 20.78 1.59 7.55
C MET A 325 21.29 0.78 8.70
N ASP A 326 22.53 1.05 9.10
CA ASP A 326 23.16 0.32 10.17
C ASP A 326 24.06 1.26 10.93
N GLU A 327 23.52 1.94 11.93
CA GLU A 327 24.25 2.97 12.65
C GLU A 327 24.53 2.57 14.08
N GLU A 328 25.77 2.77 14.51
CA GLU A 328 26.14 2.60 15.91
C GLU A 328 25.58 3.75 16.74
N PRO A 329 25.31 3.49 18.03
CA PRO A 329 24.97 4.60 18.93
C PRO A 329 26.22 5.47 19.09
N VAL A 330 26.04 6.76 19.31
CA VAL A 330 27.20 7.61 19.52
C VAL A 330 26.95 8.57 20.65
N PRO A 331 27.98 8.80 21.48
CA PRO A 331 27.91 9.83 22.51
C PRO A 331 28.17 11.21 21.93
N MET A 332 27.68 12.23 22.64
CA MET A 332 28.02 13.60 22.30
C MET A 332 29.35 13.96 22.96
N ASN A 333 29.91 15.08 22.55
CA ASN A 333 31.21 15.51 23.05
C ASN A 333 31.18 15.89 24.54
N LYS A 334 32.03 15.25 25.33
CA LYS A 334 31.99 15.41 26.78
C LYS A 334 32.17 16.86 27.17
N GLU A 335 33.14 17.51 26.55
CA GLU A 335 33.49 18.88 26.89
C GLU A 335 32.35 19.82 26.55
N LEU A 336 31.70 19.59 25.40
CA LEU A 336 30.56 20.41 25.00
C LEU A 336 29.35 20.15 25.88
N VAL A 337 29.19 18.90 26.31
CA VAL A 337 28.07 18.56 27.19
C VAL A 337 28.25 19.23 28.56
N ALA A 338 29.49 19.31 29.03
CA ALA A 338 29.79 20.05 30.26
C ALA A 338 29.51 21.55 30.10
N THR A 339 29.98 22.13 29.00
CA THR A 339 29.77 23.54 28.71
C THR A 339 28.27 23.86 28.67
N LEU A 340 27.50 22.96 28.06
CA LEU A 340 26.06 23.11 27.98
C LEU A 340 25.42 22.96 29.36
N THR A 341 25.84 21.95 30.11
CA THR A 341 25.33 21.75 31.46
C THR A 341 25.64 22.98 32.33
N GLU A 342 26.87 23.48 32.21
CA GLU A 342 27.29 24.67 32.95
C GLU A 342 26.43 25.88 32.61
N LEU A 343 26.11 26.03 31.33
CA LEU A 343 25.19 27.08 30.89
C LEU A 343 23.81 26.93 31.54
N CYS A 344 23.26 25.72 31.52
CA CYS A 344 21.94 25.49 32.10
C CYS A 344 21.93 25.82 33.59
N GLU A 345 22.98 25.41 34.31
CA GLU A 345 23.11 25.72 35.72
C GLU A 345 23.17 27.24 35.94
N ARG A 346 24.06 27.91 35.21
CA ARG A 346 24.16 29.36 35.28
C ARG A 346 22.85 30.08 35.00
N GLU A 347 22.13 29.62 33.98
CA GLU A 347 20.91 30.32 33.58
C GLU A 347 19.75 29.86 34.43
N LYS A 348 20.02 28.96 35.38
CA LYS A 348 18.99 28.38 36.23
C LYS A 348 17.86 27.67 35.45
N LEU A 349 18.24 26.98 34.39
CA LEU A 349 17.28 26.27 33.55
C LEU A 349 16.90 24.92 34.14
N ASN A 350 15.64 24.53 34.02
CA ASN A 350 15.22 23.23 34.52
C ASN A 350 15.55 22.16 33.49
N TYR A 351 16.76 21.63 33.58
CA TYR A 351 17.25 20.71 32.57
C TYR A 351 17.35 19.27 33.05
N ARG A 352 17.40 18.35 32.10
CA ARG A 352 17.80 16.99 32.41
C ARG A 352 18.83 16.49 31.42
N VAL A 353 19.59 15.48 31.83
CA VAL A 353 20.56 14.84 30.97
C VAL A 353 19.91 13.57 30.46
N MET A 354 19.95 13.36 29.14
CA MET A 354 19.20 12.26 28.56
C MET A 354 19.78 11.82 27.23
N HIS A 355 19.41 10.63 26.78
CA HIS A 355 19.81 10.19 25.45
C HIS A 355 18.70 10.50 24.44
N SER A 356 19.03 10.46 23.17
CA SER A 356 18.04 10.64 22.10
C SER A 356 17.62 9.30 21.53
N GLY A 357 16.31 9.04 21.50
CA GLY A 357 15.76 7.86 20.86
C GLY A 357 15.59 8.01 19.34
N ALA A 358 15.71 9.24 18.87
CA ALA A 358 15.69 9.52 17.44
C ALA A 358 17.10 9.67 16.92
N GLY A 359 17.29 9.45 15.62
CA GLY A 359 18.55 9.73 14.97
C GLY A 359 18.57 11.19 14.57
N HIS A 360 19.77 11.73 14.45
CA HIS A 360 19.93 13.14 14.13
C HIS A 360 21.22 13.31 13.34
N ASP A 361 21.27 14.32 12.48
CA ASP A 361 22.50 14.68 11.81
C ASP A 361 23.68 14.75 12.81
N ALA A 362 23.38 15.17 14.03
CA ALA A 362 24.37 15.22 15.10
C ALA A 362 25.16 13.92 15.29
N GLN A 363 24.53 12.77 15.08
CA GLN A 363 25.24 11.50 15.22
C GLN A 363 26.29 11.25 14.12
N ILE A 364 26.05 11.83 12.94
CA ILE A 364 27.00 11.78 11.85
C ILE A 364 28.14 12.77 12.13
N PHE A 365 27.81 13.93 12.68
CA PHE A 365 28.82 14.91 13.03
C PHE A 365 29.75 14.42 14.15
N ALA A 366 29.15 13.87 15.21
CA ALA A 366 29.85 13.60 16.47
C ALA A 366 31.25 12.95 16.37
N PRO A 367 31.42 11.89 15.56
CA PRO A 367 32.76 11.28 15.51
C PRO A 367 33.77 12.16 14.80
N ARG A 368 33.31 13.22 14.14
CA ARG A 368 34.24 14.03 13.35
C ARG A 368 34.56 15.40 13.93
N VAL A 369 33.57 16.07 14.51
CA VAL A 369 33.82 17.34 15.15
C VAL A 369 33.10 17.33 16.48
N PRO A 370 33.56 18.14 17.44
CA PRO A 370 32.85 18.19 18.72
C PRO A 370 31.39 18.59 18.50
N THR A 371 30.44 17.76 18.96
CA THR A 371 29.03 18.13 18.85
C THR A 371 28.20 17.86 20.10
N CYS A 372 27.09 18.57 20.18
CA CYS A 372 26.14 18.36 21.25
C CYS A 372 24.73 18.67 20.73
N MET A 373 23.71 18.32 21.51
CA MET A 373 22.34 18.61 21.14
C MET A 373 21.62 19.21 22.32
N ILE A 374 20.70 20.13 22.03
CA ILE A 374 19.78 20.67 23.01
C ILE A 374 18.38 20.20 22.64
N PHE A 375 17.70 19.57 23.59
CA PHE A 375 16.27 19.24 23.42
C PHE A 375 15.35 20.25 24.10
N ILE A 376 14.19 20.50 23.49
CA ILE A 376 13.06 21.11 24.19
C ILE A 376 11.91 20.10 24.16
N PRO A 377 10.91 20.26 25.03
CA PRO A 377 9.90 19.21 25.14
C PRO A 377 9.04 19.02 23.88
N SER A 378 8.37 17.87 23.82
CA SER A 378 7.35 17.63 22.82
C SER A 378 6.08 17.25 23.57
N ILE A 379 5.01 18.03 23.40
CA ILE A 379 3.83 17.73 24.18
C ILE A 379 3.20 16.38 23.79
N ASN A 380 2.92 15.59 24.83
CA ASN A 380 2.42 14.23 24.72
C ASN A 380 3.38 13.23 24.06
N GLY A 381 4.59 13.69 23.72
CA GLY A 381 5.55 12.80 23.10
C GLY A 381 5.05 12.34 21.74
N ILE A 382 4.40 13.25 21.03
CA ILE A 382 3.88 12.95 19.70
C ILE A 382 4.79 13.53 18.64
N SER A 383 5.30 12.68 17.75
CA SER A 383 6.10 13.16 16.64
C SER A 383 5.79 12.28 15.43
N HIS A 384 6.27 12.69 14.25
CA HIS A 384 5.97 11.94 13.01
C HIS A 384 4.45 11.78 12.89
N ASN A 385 3.75 12.87 13.16
CA ASN A 385 2.31 12.89 13.27
C ASN A 385 2.00 14.36 13.19
N PRO A 386 0.98 14.74 12.42
CA PRO A 386 0.73 16.18 12.24
C PRO A 386 0.43 16.94 13.54
N ALA A 387 0.06 16.23 14.61
CA ALA A 387 -0.26 16.87 15.89
C ALA A 387 0.99 17.22 16.73
N GLU A 388 2.16 16.93 16.19
CA GLU A 388 3.44 17.28 16.81
C GLU A 388 3.44 18.75 17.16
N ARG A 389 3.70 19.05 18.43
CA ARG A 389 3.63 20.43 18.87
C ARG A 389 4.35 20.63 20.18
N THR A 390 4.69 21.90 20.41
CA THR A 390 5.48 22.29 21.55
C THR A 390 5.03 23.69 21.98
N ASN A 391 4.96 23.93 23.28
CA ASN A 391 4.64 25.25 23.81
C ASN A 391 5.62 26.31 23.27
N ILE A 392 5.08 27.44 22.81
CA ILE A 392 5.87 28.52 22.22
C ILE A 392 6.94 29.09 23.16
N THR A 393 6.68 29.11 24.46
CA THR A 393 7.70 29.62 25.37
C THR A 393 8.82 28.60 25.53
N ASP A 394 8.49 27.32 25.46
CA ASP A 394 9.50 26.27 25.43
C ASP A 394 10.39 26.38 24.21
N LEU A 395 9.79 26.59 23.03
CA LEU A 395 10.56 26.81 21.81
C LEU A 395 11.50 28.02 21.94
N ALA A 396 10.95 29.14 22.40
CA ALA A 396 11.74 30.34 22.65
C ALA A 396 12.90 30.08 23.62
N GLU A 397 12.62 29.33 24.69
CA GLU A 397 13.68 28.96 25.64
C GLU A 397 14.78 28.16 24.97
N GLY A 398 14.38 27.30 24.03
CA GLY A 398 15.33 26.55 23.24
C GLY A 398 16.20 27.44 22.37
N VAL A 399 15.60 28.42 21.71
CA VAL A 399 16.37 29.33 20.83
C VAL A 399 17.28 30.23 21.65
N LYS A 400 16.81 30.63 22.83
CA LYS A 400 17.61 31.41 23.75
C LYS A 400 18.85 30.60 24.14
N THR A 401 18.61 29.37 24.59
CA THR A 401 19.69 28.49 25.03
C THR A 401 20.65 28.25 23.89
N LEU A 402 20.13 28.10 22.69
CA LEU A 402 20.99 27.91 21.52
C LEU A 402 21.88 29.14 21.28
N ALA A 403 21.28 30.33 21.40
CA ALA A 403 21.97 31.61 21.21
C ALA A 403 23.15 31.76 22.16
N LEU A 404 22.90 31.49 23.44
CA LEU A 404 23.92 31.58 24.47
C LEU A 404 25.06 30.61 24.20
N MET A 405 24.71 29.43 23.71
CA MET A 405 25.73 28.45 23.40
C MET A 405 26.57 28.94 22.22
N LEU A 406 25.91 29.40 21.17
CA LEU A 406 26.61 29.97 20.03
C LEU A 406 27.42 31.22 20.40
N TYR A 407 26.90 32.02 21.34
CA TYR A 407 27.66 33.18 21.82
C TYR A 407 28.99 32.78 22.44
N GLN A 408 28.93 31.84 23.38
CA GLN A 408 30.12 31.29 24.00
C GLN A 408 31.10 30.75 22.98
N LEU A 409 30.58 30.08 21.97
CA LEU A 409 31.41 29.34 21.03
C LEU A 409 31.99 30.20 19.92
N ALA A 410 31.30 31.29 19.56
CA ALA A 410 31.77 32.10 18.42
C ALA A 410 32.06 33.57 18.72
N TRP A 411 31.47 34.14 19.77
CA TRP A 411 31.70 35.54 20.09
C TRP A 411 32.69 35.66 21.24
N GLN A 412 33.12 34.50 21.72
CA GLN A 412 34.15 34.41 22.74
C GLN A 412 35.27 33.48 22.29
N LYS A 413 36.47 33.78 22.77
CA LYS A 413 37.66 33.02 22.42
C LYS A 413 37.74 31.79 23.32
N MET B 3 -15.39 -29.49 -35.89
CA MET B 3 -15.96 -28.57 -34.93
C MET B 3 -14.90 -28.07 -33.98
N ILE B 4 -14.06 -29.00 -33.49
CA ILE B 4 -12.96 -28.65 -32.61
C ILE B 4 -11.95 -27.73 -33.29
N THR B 5 -11.59 -28.08 -34.52
CA THR B 5 -10.61 -27.31 -35.27
C THR B 5 -11.10 -25.90 -35.52
N HIS B 6 -12.39 -25.77 -35.83
CA HIS B 6 -12.97 -24.44 -36.03
C HIS B 6 -12.85 -23.58 -34.77
N PHE B 7 -13.16 -24.19 -33.62
CA PHE B 7 -13.12 -23.45 -32.37
C PHE B 7 -11.70 -23.14 -31.94
N ARG B 8 -10.77 -24.06 -32.18
CA ARG B 8 -9.36 -23.81 -31.91
C ARG B 8 -8.86 -22.59 -32.68
N GLN B 9 -9.22 -22.53 -33.96
CA GLN B 9 -8.79 -21.42 -34.82
C GLN B 9 -9.46 -20.12 -34.41
N ALA B 10 -10.77 -20.19 -34.15
CA ALA B 10 -11.53 -19.04 -33.67
C ALA B 10 -10.94 -18.45 -32.38
N ILE B 11 -10.52 -19.32 -31.47
CA ILE B 11 -9.95 -18.87 -30.21
C ILE B 11 -8.58 -18.24 -30.43
N GLU B 12 -7.73 -18.94 -31.18
CA GLU B 12 -6.39 -18.44 -31.48
C GLU B 12 -6.43 -17.08 -32.17
N GLU B 13 -7.51 -16.81 -32.91
CA GLU B 13 -7.63 -15.51 -33.55
C GLU B 13 -8.10 -14.44 -32.57
N THR B 14 -9.22 -14.70 -31.90
CA THR B 14 -9.88 -13.68 -31.09
C THR B 14 -9.31 -13.46 -29.66
N LEU B 15 -8.73 -14.49 -29.07
CA LEU B 15 -8.21 -14.36 -27.71
C LEU B 15 -7.10 -13.29 -27.54
N PRO B 16 -6.00 -13.38 -28.33
CA PRO B 16 -4.99 -12.31 -28.20
C PRO B 16 -5.57 -10.94 -28.52
N TRP B 17 -6.53 -10.90 -29.43
CA TRP B 17 -7.16 -9.64 -29.83
C TRP B 17 -7.90 -8.97 -28.66
N LEU B 18 -8.79 -9.73 -28.05
CA LEU B 18 -9.56 -9.22 -26.92
C LEU B 18 -8.65 -8.93 -25.72
N SER B 19 -7.60 -9.74 -25.57
CA SER B 19 -6.67 -9.58 -24.46
C SER B 19 -5.79 -8.33 -24.58
N SER B 20 -5.77 -7.71 -25.75
CA SER B 20 -4.91 -6.55 -25.96
C SER B 20 -5.50 -5.31 -25.29
N PHE B 21 -6.81 -5.33 -25.06
CA PHE B 21 -7.46 -4.24 -24.36
C PHE B 21 -7.47 -4.52 -22.85
N GLY B 22 -6.63 -3.79 -22.12
CA GLY B 22 -6.49 -4.03 -20.69
C GLY B 22 -5.22 -4.78 -20.38
N ALA B 23 -4.45 -5.09 -21.41
CA ALA B 23 -3.14 -5.67 -21.23
C ALA B 23 -2.30 -4.75 -20.34
N ASP B 24 -1.76 -5.32 -19.26
CA ASP B 24 -1.00 -4.55 -18.30
C ASP B 24 0.49 -4.83 -18.52
N PRO B 25 1.28 -3.78 -18.80
CA PRO B 25 2.73 -3.90 -19.08
C PRO B 25 3.47 -4.61 -17.95
N ALA B 26 2.97 -4.44 -16.73
CA ALA B 26 3.58 -5.05 -15.56
C ALA B 26 3.12 -6.49 -15.34
N GLY B 27 2.36 -7.04 -16.30
CA GLY B 27 1.97 -8.44 -16.23
C GLY B 27 0.48 -8.70 -16.32
N GLY B 28 0.09 -9.61 -17.22
CA GLY B 28 -1.27 -10.09 -17.31
C GLY B 28 -2.26 -9.05 -17.74
N MET B 29 -3.46 -9.12 -17.18
CA MET B 29 -4.56 -8.23 -17.54
C MET B 29 -4.96 -7.35 -16.36
N THR B 30 -5.25 -6.09 -16.64
CA THR B 30 -5.82 -5.22 -15.65
C THR B 30 -6.92 -4.38 -16.30
N ARG B 31 -8.15 -4.87 -16.16
CA ARG B 31 -9.29 -4.23 -16.78
C ARG B 31 -10.38 -4.11 -15.73
N LEU B 32 -10.33 -3.02 -14.97
CA LEU B 32 -11.23 -2.81 -13.85
C LEU B 32 -12.50 -2.11 -14.31
N LEU B 33 -13.59 -2.32 -13.58
CA LEU B 33 -14.88 -1.69 -13.88
C LEU B 33 -14.80 -0.19 -14.16
N TYR B 34 -15.36 0.21 -15.28
CA TYR B 34 -15.48 1.62 -15.65
C TYR B 34 -14.13 2.33 -15.86
N SER B 35 -13.09 1.53 -16.13
CA SER B 35 -11.78 2.08 -16.49
C SER B 35 -11.74 2.36 -17.98
N PRO B 36 -10.76 3.16 -18.44
CA PRO B 36 -10.63 3.37 -19.87
C PRO B 36 -10.43 2.05 -20.61
N GLU B 37 -9.69 1.11 -20.01
CA GLU B 37 -9.46 -0.19 -20.65
C GLU B 37 -10.79 -0.96 -20.70
N TRP B 38 -11.52 -0.92 -19.59
CA TRP B 38 -12.88 -1.47 -19.55
C TRP B 38 -13.74 -0.95 -20.70
N LEU B 39 -13.73 0.37 -20.92
CA LEU B 39 -14.56 0.97 -21.96
C LEU B 39 -14.16 0.51 -23.35
N GLU B 40 -12.86 0.56 -23.61
CA GLU B 40 -12.38 0.18 -24.92
C GLU B 40 -12.74 -1.27 -25.22
N THR B 41 -12.54 -2.15 -24.23
CA THR B 41 -12.85 -3.57 -24.40
C THR B 41 -14.32 -3.73 -24.81
N GLN B 42 -15.22 -3.11 -24.07
CA GLN B 42 -16.65 -3.22 -24.37
C GLN B 42 -16.99 -2.69 -25.76
N GLN B 43 -16.43 -1.54 -26.11
CA GLN B 43 -16.67 -0.96 -27.44
C GLN B 43 -16.15 -1.86 -28.56
N GLN B 44 -14.90 -2.31 -28.43
CA GLN B 44 -14.29 -3.12 -29.47
C GLN B 44 -15.05 -4.46 -29.65
N PHE B 45 -15.47 -5.05 -28.53
CA PHE B 45 -16.17 -6.32 -28.57
C PHE B 45 -17.53 -6.10 -29.24
N LYS B 46 -18.21 -5.01 -28.86
CA LYS B 46 -19.48 -4.63 -29.46
C LYS B 46 -19.36 -4.48 -30.97
N LYS B 47 -18.24 -3.90 -31.42
CA LYS B 47 -18.00 -3.64 -32.84
C LYS B 47 -17.89 -4.98 -33.60
N ARG B 48 -17.00 -5.87 -33.15
CA ARG B 48 -16.82 -7.18 -33.79
C ARG B 48 -18.08 -8.06 -33.80
N MET B 49 -18.83 -8.06 -32.70
CA MET B 49 -20.08 -8.82 -32.65
C MET B 49 -21.09 -8.29 -33.68
N ALA B 50 -21.28 -6.97 -33.71
CA ALA B 50 -22.19 -6.33 -34.66
C ALA B 50 -21.81 -6.69 -36.10
N ALA B 51 -20.51 -6.71 -36.34
CA ALA B 51 -19.96 -6.97 -37.66
C ALA B 51 -20.14 -8.41 -38.08
N SER B 52 -20.37 -9.28 -37.10
CA SER B 52 -20.56 -10.69 -37.39
C SER B 52 -22.03 -10.97 -37.59
N GLY B 53 -22.86 -9.95 -37.42
CA GLY B 53 -24.27 -10.05 -37.74
C GLY B 53 -25.20 -10.08 -36.54
N LEU B 54 -24.68 -9.76 -35.37
CA LEU B 54 -25.53 -9.76 -34.19
C LEU B 54 -26.03 -8.35 -33.94
N GLU B 55 -27.25 -8.21 -33.44
CA GLU B 55 -27.71 -6.90 -33.02
C GLU B 55 -27.32 -6.65 -31.57
N THR B 56 -26.53 -5.61 -31.37
CA THR B 56 -25.89 -5.35 -30.09
C THR B 56 -26.52 -4.17 -29.37
N ARG B 57 -26.41 -4.17 -28.04
CA ARG B 57 -26.84 -3.04 -27.25
C ARG B 57 -26.01 -3.01 -25.97
N PHE B 58 -25.99 -1.86 -25.31
CA PHE B 58 -25.56 -1.75 -23.94
C PHE B 58 -26.84 -1.57 -23.16
N ASP B 59 -26.93 -2.12 -21.95
CA ASP B 59 -28.01 -1.70 -21.05
C ASP B 59 -27.57 -0.47 -20.25
N GLU B 60 -28.37 -0.10 -19.25
CA GLU B 60 -28.14 1.14 -18.51
C GLU B 60 -26.81 1.20 -17.76
N VAL B 61 -26.20 0.05 -17.50
CA VAL B 61 -24.96 0.04 -16.71
C VAL B 61 -23.73 -0.41 -17.48
N GLY B 62 -23.89 -0.73 -18.76
CA GLY B 62 -22.74 -1.12 -19.56
C GLY B 62 -22.55 -2.63 -19.70
N ASN B 63 -23.55 -3.40 -19.28
CA ASN B 63 -23.62 -4.79 -19.70
C ASN B 63 -23.76 -4.78 -21.22
N LEU B 64 -22.97 -5.62 -21.90
CA LEU B 64 -22.97 -5.67 -23.35
C LEU B 64 -23.64 -6.95 -23.89
N TYR B 65 -24.67 -6.77 -24.70
CA TYR B 65 -25.36 -7.91 -25.32
C TYR B 65 -25.15 -8.01 -26.83
N GLY B 66 -25.04 -9.25 -27.32
CA GLY B 66 -25.06 -9.53 -28.74
C GLY B 66 -26.24 -10.46 -29.00
N ARG B 67 -27.22 -9.99 -29.78
CA ARG B 67 -28.47 -10.73 -29.92
C ARG B 67 -28.68 -11.38 -31.30
N LEU B 68 -29.21 -12.60 -31.27
CA LEU B 68 -29.63 -13.31 -32.48
C LEU B 68 -31.08 -13.74 -32.28
N ASN B 69 -31.98 -13.19 -33.08
CA ASN B 69 -33.40 -13.38 -32.83
C ASN B 69 -33.93 -14.75 -33.25
N GLY B 70 -34.94 -15.21 -32.53
CA GLY B 70 -35.51 -16.53 -32.74
C GLY B 70 -36.75 -16.52 -33.61
N THR B 71 -36.84 -17.51 -34.50
CA THR B 71 -37.90 -17.53 -35.51
C THR B 71 -39.28 -17.86 -34.96
N GLU B 72 -39.35 -18.58 -33.85
CA GLU B 72 -40.64 -19.03 -33.36
C GLU B 72 -41.01 -18.49 -31.98
N TYR B 73 -40.00 -18.23 -31.15
CA TYR B 73 -40.26 -17.68 -29.82
C TYR B 73 -39.24 -16.58 -29.52
N PRO B 74 -39.37 -15.42 -30.20
CA PRO B 74 -38.33 -14.40 -30.11
C PRO B 74 -38.33 -13.76 -28.74
N GLN B 75 -39.43 -13.95 -28.01
CA GLN B 75 -39.59 -13.35 -26.71
C GLN B 75 -38.90 -14.17 -25.62
N GLU B 76 -38.44 -15.36 -26.00
CA GLU B 76 -37.70 -16.23 -25.09
C GLU B 76 -36.20 -16.13 -25.36
N VAL B 77 -35.42 -15.82 -24.34
CA VAL B 77 -33.98 -15.65 -24.52
C VAL B 77 -33.14 -16.72 -23.81
N VAL B 78 -32.25 -17.34 -24.57
CA VAL B 78 -31.26 -18.25 -23.99
C VAL B 78 -29.97 -17.44 -23.91
N LEU B 79 -29.50 -17.20 -22.68
CA LEU B 79 -28.40 -16.28 -22.46
C LEU B 79 -27.13 -17.05 -22.13
N SER B 80 -26.02 -16.61 -22.71
CA SER B 80 -24.71 -17.15 -22.33
C SER B 80 -23.64 -16.05 -22.31
N GLY B 81 -22.65 -16.20 -21.43
CA GLY B 81 -21.54 -15.28 -21.33
C GLY B 81 -20.97 -15.19 -19.93
N SER B 82 -20.12 -14.19 -19.70
CA SER B 82 -19.47 -14.03 -18.40
C SER B 82 -19.08 -12.55 -18.19
N HIS B 83 -18.29 -12.29 -17.15
CA HIS B 83 -17.85 -10.92 -16.85
C HIS B 83 -16.61 -10.49 -17.68
N ILE B 84 -16.54 -9.23 -18.11
CA ILE B 84 -15.33 -8.79 -18.83
C ILE B 84 -14.24 -8.17 -17.95
N ASP B 85 -14.56 -7.86 -16.69
CA ASP B 85 -13.53 -7.24 -15.84
C ASP B 85 -12.55 -8.26 -15.30
N THR B 86 -11.50 -7.77 -14.65
CA THR B 86 -10.46 -8.63 -14.11
C THR B 86 -10.03 -8.11 -12.73
N VAL B 87 -9.11 -8.83 -12.10
CA VAL B 87 -8.43 -8.33 -10.89
C VAL B 87 -7.21 -7.58 -11.41
N VAL B 88 -6.35 -7.13 -10.49
CA VAL B 88 -5.12 -6.47 -10.92
C VAL B 88 -4.07 -7.52 -11.22
N ASN B 89 -3.45 -7.39 -12.39
CA ASN B 89 -2.51 -8.40 -12.90
C ASN B 89 -3.13 -9.80 -12.95
N GLY B 90 -4.35 -9.87 -13.47
CA GLY B 90 -5.03 -11.14 -13.64
C GLY B 90 -4.56 -11.85 -14.89
N GLY B 91 -5.18 -12.99 -15.19
CA GLY B 91 -4.87 -13.73 -16.40
C GLY B 91 -5.86 -13.35 -17.48
N ASN B 92 -5.73 -13.95 -18.66
CA ASN B 92 -6.58 -13.57 -19.78
C ASN B 92 -7.76 -14.53 -20.07
N LEU B 93 -8.04 -15.46 -19.15
CA LEU B 93 -9.15 -16.42 -19.34
C LEU B 93 -10.35 -16.15 -18.44
N ASP B 94 -10.06 -15.88 -17.17
CA ASP B 94 -11.06 -15.56 -16.15
C ASP B 94 -12.02 -14.49 -16.65
N GLY B 95 -13.31 -14.82 -16.68
CA GLY B 95 -14.31 -13.89 -17.15
C GLY B 95 -14.43 -13.82 -18.68
N GLN B 96 -13.54 -13.08 -19.32
CA GLN B 96 -13.66 -12.83 -20.75
C GLN B 96 -13.79 -14.09 -21.64
N PHE B 97 -13.18 -15.20 -21.23
CA PHE B 97 -13.25 -16.38 -22.11
C PHE B 97 -14.68 -16.90 -22.33
N GLY B 98 -15.51 -16.84 -21.30
CA GLY B 98 -16.88 -17.28 -21.40
C GLY B 98 -17.76 -16.36 -22.22
N ALA B 99 -17.45 -15.06 -22.20
CA ALA B 99 -18.17 -14.11 -23.05
C ALA B 99 -17.75 -14.34 -24.48
N LEU B 100 -16.44 -14.40 -24.68
CA LEU B 100 -15.85 -14.75 -25.96
C LEU B 100 -16.41 -16.05 -26.51
N ALA B 101 -16.49 -17.07 -25.67
CA ALA B 101 -16.96 -18.39 -26.09
C ALA B 101 -18.41 -18.36 -26.53
N ALA B 102 -19.27 -17.70 -25.75
CA ALA B 102 -20.67 -17.54 -26.07
C ALA B 102 -20.83 -16.95 -27.48
N TRP B 103 -20.08 -15.89 -27.76
CA TRP B 103 -20.10 -15.29 -29.08
C TRP B 103 -19.64 -16.28 -30.14
N LEU B 104 -18.48 -16.89 -29.91
CA LEU B 104 -17.92 -17.86 -30.85
C LEU B 104 -18.88 -19.03 -31.10
N ALA B 105 -19.55 -19.48 -30.06
CA ALA B 105 -20.47 -20.61 -30.18
C ALA B 105 -21.71 -20.21 -30.98
N ILE B 106 -22.34 -19.10 -30.62
CA ILE B 106 -23.54 -18.63 -31.31
C ILE B 106 -23.26 -18.35 -32.79
N ASP B 107 -22.11 -17.73 -33.05
CA ASP B 107 -21.66 -17.48 -34.42
C ASP B 107 -21.59 -18.75 -35.25
N TRP B 108 -21.05 -19.81 -34.65
CA TRP B 108 -20.84 -21.06 -35.35
C TRP B 108 -22.14 -21.82 -35.57
N LEU B 109 -22.99 -21.84 -34.55
CA LEU B 109 -24.29 -22.45 -34.67
C LEU B 109 -25.12 -21.71 -35.72
N LYS B 110 -25.00 -20.40 -35.75
CA LYS B 110 -25.75 -19.57 -36.69
C LYS B 110 -25.41 -19.92 -38.15
N THR B 111 -24.15 -20.18 -38.44
CA THR B 111 -23.72 -20.44 -39.80
C THR B 111 -23.93 -21.90 -40.20
N GLN B 112 -24.31 -22.76 -39.27
CA GLN B 112 -24.45 -24.16 -39.59
C GLN B 112 -25.90 -24.56 -39.71
N TYR B 113 -26.74 -23.90 -38.91
CA TYR B 113 -28.14 -24.29 -38.77
C TYR B 113 -29.07 -23.09 -38.94
N GLY B 114 -28.49 -21.93 -39.23
CA GLY B 114 -29.29 -20.72 -39.40
C GLY B 114 -29.91 -20.21 -38.11
N ALA B 115 -30.94 -19.37 -38.25
CA ALA B 115 -31.59 -18.74 -37.11
C ALA B 115 -32.15 -19.77 -36.14
N PRO B 116 -32.04 -19.48 -34.83
CA PRO B 116 -32.52 -20.39 -33.79
C PRO B 116 -34.02 -20.24 -33.62
N LEU B 117 -34.64 -21.20 -32.94
CA LEU B 117 -36.05 -21.11 -32.62
C LEU B 117 -36.27 -20.00 -31.61
N ARG B 118 -35.50 -20.04 -30.53
CA ARG B 118 -35.56 -19.02 -29.49
C ARG B 118 -34.46 -17.99 -29.71
N THR B 119 -34.58 -16.84 -29.06
CA THR B 119 -33.54 -15.84 -29.17
C THR B 119 -32.35 -16.27 -28.30
N VAL B 120 -31.14 -16.18 -28.84
CA VAL B 120 -29.93 -16.36 -28.03
C VAL B 120 -29.12 -15.08 -27.95
N GLU B 121 -28.56 -14.80 -26.78
CA GLU B 121 -27.75 -13.61 -26.57
C GLU B 121 -26.40 -13.95 -25.96
N VAL B 122 -25.36 -13.30 -26.44
CA VAL B 122 -24.10 -13.26 -25.73
C VAL B 122 -24.19 -12.08 -24.79
N VAL B 123 -23.70 -12.26 -23.56
CA VAL B 123 -23.58 -11.12 -22.66
C VAL B 123 -22.14 -11.01 -22.14
N ALA B 124 -21.60 -9.79 -22.15
CA ALA B 124 -20.35 -9.49 -21.48
C ALA B 124 -20.71 -8.57 -20.35
N MET B 125 -20.72 -9.11 -19.14
CA MET B 125 -21.22 -8.36 -17.99
C MET B 125 -20.20 -7.38 -17.39
N ALA B 126 -20.69 -6.30 -16.80
CA ALA B 126 -19.86 -5.14 -16.45
C ALA B 126 -18.78 -5.46 -15.43
N GLU B 127 -19.17 -6.06 -14.31
CA GLU B 127 -18.22 -6.52 -13.32
C GLU B 127 -18.75 -7.60 -12.40
N ALA B 128 -17.88 -8.56 -12.11
CA ALA B 128 -18.14 -9.58 -11.13
C ALA B 128 -16.89 -9.78 -10.27
N GLU B 129 -15.84 -9.02 -10.54
CA GLU B 129 -14.64 -9.17 -9.75
C GLU B 129 -14.64 -8.43 -8.41
N GLY B 130 -15.45 -7.38 -8.30
CA GLY B 130 -15.42 -6.55 -7.11
C GLY B 130 -13.99 -6.09 -6.79
N SER B 131 -13.24 -5.76 -7.84
CA SER B 131 -11.80 -5.61 -7.71
C SER B 131 -11.37 -4.15 -7.60
N ARG B 132 -12.27 -3.24 -7.96
CA ARG B 132 -11.95 -1.81 -7.96
C ARG B 132 -12.75 -1.03 -6.92
N PHE B 133 -14.07 -1.22 -6.90
CA PHE B 133 -14.93 -0.54 -5.95
C PHE B 133 -15.42 -1.56 -4.92
N PRO B 134 -15.82 -1.12 -3.71
CA PRO B 134 -16.33 -2.08 -2.72
C PRO B 134 -17.77 -2.48 -2.98
N TYR B 135 -17.99 -3.13 -4.13
CA TYR B 135 -19.30 -3.61 -4.53
C TYR B 135 -19.01 -4.75 -5.51
N VAL B 136 -19.86 -5.78 -5.54
CA VAL B 136 -19.67 -6.91 -6.46
C VAL B 136 -20.89 -7.17 -7.30
N PHE B 137 -20.68 -7.76 -8.47
CA PHE B 137 -21.78 -8.15 -9.36
C PHE B 137 -22.66 -6.97 -9.77
N TRP B 138 -22.07 -5.78 -9.89
CA TRP B 138 -22.83 -4.59 -10.35
C TRP B 138 -23.52 -4.86 -11.69
N GLY B 139 -22.89 -5.64 -12.56
CA GLY B 139 -23.47 -6.00 -13.83
C GLY B 139 -24.72 -6.90 -13.75
N SER B 140 -24.53 -8.13 -13.27
CA SER B 140 -25.62 -9.12 -13.21
C SER B 140 -26.74 -8.77 -12.23
N LYS B 141 -26.40 -8.16 -11.10
CA LYS B 141 -27.40 -7.65 -10.18
C LYS B 141 -28.36 -6.62 -10.83
N ASN B 142 -27.83 -5.79 -11.72
CA ASN B 142 -28.68 -4.81 -12.39
C ASN B 142 -29.60 -5.43 -13.45
N ILE B 143 -29.16 -6.55 -14.03
CA ILE B 143 -29.98 -7.29 -14.98
C ILE B 143 -31.31 -7.67 -14.34
N PHE B 144 -31.28 -8.01 -13.05
CA PHE B 144 -32.46 -8.43 -12.31
C PHE B 144 -32.95 -7.40 -11.28
N GLY B 145 -32.53 -6.16 -11.45
CA GLY B 145 -33.01 -5.09 -10.60
C GLY B 145 -32.66 -5.24 -9.13
N LEU B 146 -31.56 -5.94 -8.85
CA LEU B 146 -31.18 -6.20 -7.47
C LEU B 146 -30.20 -5.19 -6.90
N ALA B 147 -29.63 -4.35 -7.76
CA ALA B 147 -28.65 -3.37 -7.30
C ALA B 147 -29.33 -2.07 -6.89
N ASN B 148 -29.06 -1.63 -5.67
CA ASN B 148 -29.54 -0.34 -5.20
C ASN B 148 -28.50 0.72 -5.52
N PRO B 149 -28.87 1.70 -6.35
CA PRO B 149 -27.96 2.78 -6.76
C PRO B 149 -27.33 3.47 -5.55
N ASP B 150 -28.07 3.56 -4.45
CA ASP B 150 -27.58 4.17 -3.21
C ASP B 150 -26.30 3.48 -2.72
N ASP B 151 -26.21 2.17 -2.96
CA ASP B 151 -25.07 1.39 -2.50
C ASP B 151 -23.73 1.76 -3.16
N VAL B 152 -23.79 2.44 -4.31
CA VAL B 152 -22.56 2.81 -5.00
C VAL B 152 -22.38 4.33 -5.17
N ARG B 153 -23.46 5.08 -4.97
CA ARG B 153 -23.46 6.52 -5.21
C ARG B 153 -22.32 7.23 -4.50
N ASN B 154 -21.95 6.75 -3.32
CA ASN B 154 -20.89 7.40 -2.55
C ASN B 154 -19.64 6.56 -2.27
N ILE B 155 -19.34 5.59 -3.14
CA ILE B 155 -18.13 4.81 -2.96
C ILE B 155 -17.07 5.22 -4.00
N CYS B 156 -15.81 4.90 -3.68
CA CYS B 156 -14.66 5.35 -4.43
C CYS B 156 -13.69 4.19 -4.57
N ASP B 157 -12.76 4.29 -5.51
CA ASP B 157 -11.68 3.31 -5.59
C ASP B 157 -10.56 3.73 -4.64
N ALA B 158 -9.50 2.93 -4.56
CA ALA B 158 -8.38 3.25 -3.68
C ALA B 158 -7.73 4.61 -3.99
N LYS B 159 -7.89 5.08 -5.22
CA LYS B 159 -7.24 6.31 -5.67
C LYS B 159 -8.14 7.53 -5.53
N GLY B 160 -9.35 7.32 -5.00
CA GLY B 160 -10.28 8.40 -4.76
C GLY B 160 -11.23 8.69 -5.90
N ASN B 161 -11.23 7.87 -6.94
CA ASN B 161 -12.20 8.05 -8.03
C ASN B 161 -13.55 7.50 -7.62
N SER B 162 -14.57 8.35 -7.66
CA SER B 162 -15.91 7.90 -7.28
C SER B 162 -16.52 6.99 -8.35
N PHE B 163 -17.31 6.01 -7.89
CA PHE B 163 -18.06 5.14 -8.77
C PHE B 163 -18.80 5.98 -9.81
N VAL B 164 -19.54 6.98 -9.33
CA VAL B 164 -20.42 7.74 -10.22
C VAL B 164 -19.64 8.48 -11.30
N ASP B 165 -18.47 9.02 -10.94
CA ASP B 165 -17.68 9.76 -11.92
C ASP B 165 -17.08 8.80 -12.95
N ALA B 166 -16.58 7.66 -12.48
CA ALA B 166 -15.98 6.67 -13.37
C ALA B 166 -17.04 6.19 -14.34
N MET B 167 -18.22 5.90 -13.79
CA MET B 167 -19.35 5.40 -14.57
C MET B 167 -19.82 6.43 -15.60
N LYS B 168 -19.88 7.69 -15.19
CA LYS B 168 -20.25 8.75 -16.12
C LYS B 168 -19.19 8.92 -17.19
N ALA B 169 -17.92 8.82 -16.81
CA ALA B 169 -16.83 8.97 -17.78
C ALA B 169 -16.88 7.88 -18.84
N CYS B 170 -17.56 6.78 -18.54
CA CYS B 170 -17.66 5.69 -19.50
C CYS B 170 -18.90 5.81 -20.38
N GLY B 171 -19.77 6.76 -20.08
CA GLY B 171 -20.94 7.00 -20.90
C GLY B 171 -22.25 6.53 -20.27
N PHE B 172 -22.21 6.14 -19.00
CA PHE B 172 -23.42 5.62 -18.35
C PHE B 172 -23.84 6.46 -17.17
N THR B 173 -25.15 6.54 -16.96
CA THR B 173 -25.71 7.34 -15.87
C THR B 173 -26.25 6.47 -14.75
N LEU B 174 -25.75 6.69 -13.54
CA LEU B 174 -26.26 5.96 -12.38
C LEU B 174 -27.77 6.14 -12.30
N PRO B 175 -28.54 5.03 -12.31
CA PRO B 175 -30.00 5.12 -12.19
C PRO B 175 -30.48 5.75 -10.89
N ASN B 176 -31.62 6.41 -10.91
CA ASN B 176 -32.18 7.01 -9.70
C ASN B 176 -32.77 5.98 -8.76
N ALA B 177 -33.14 4.83 -9.30
CA ALA B 177 -33.73 3.76 -8.50
C ALA B 177 -33.36 2.40 -9.08
N PRO B 178 -33.61 1.31 -8.30
CA PRO B 178 -33.37 -0.01 -8.86
C PRO B 178 -34.08 -0.22 -10.20
N LEU B 179 -33.42 -0.92 -11.10
CA LEU B 179 -33.94 -1.21 -12.42
C LEU B 179 -35.06 -2.24 -12.37
N THR B 180 -35.81 -2.35 -13.47
CA THR B 180 -36.83 -3.36 -13.63
C THR B 180 -36.15 -4.64 -14.13
N PRO B 181 -36.29 -5.73 -13.39
CA PRO B 181 -35.71 -7.01 -13.78
C PRO B 181 -36.19 -7.48 -15.14
N ARG B 182 -35.30 -8.06 -15.94
CA ARG B 182 -35.71 -8.78 -17.15
C ARG B 182 -36.56 -9.96 -16.73
N GLN B 183 -37.56 -10.29 -17.55
CA GLN B 183 -38.43 -11.44 -17.30
C GLN B 183 -38.34 -12.41 -18.46
N ASP B 184 -37.63 -12.01 -19.51
CA ASP B 184 -37.63 -12.74 -20.77
C ASP B 184 -36.55 -13.81 -20.91
N ILE B 185 -35.77 -14.02 -19.85
CA ILE B 185 -34.65 -14.95 -19.89
C ILE B 185 -35.10 -16.36 -19.53
N LYS B 186 -34.87 -17.32 -20.43
CA LYS B 186 -35.31 -18.68 -20.18
C LYS B 186 -34.23 -19.52 -19.51
N ALA B 187 -32.97 -19.28 -19.89
CA ALA B 187 -31.87 -20.03 -19.28
C ALA B 187 -30.54 -19.31 -19.44
N PHE B 188 -29.67 -19.50 -18.46
CA PHE B 188 -28.33 -18.94 -18.52
C PHE B 188 -27.29 -20.05 -18.43
N VAL B 189 -26.36 -20.05 -19.37
CA VAL B 189 -25.25 -20.98 -19.39
C VAL B 189 -23.94 -20.20 -19.39
N GLU B 190 -23.14 -20.42 -18.36
CA GLU B 190 -21.84 -19.72 -18.26
C GLU B 190 -20.69 -20.71 -18.33
N LEU B 191 -19.93 -20.65 -19.42
CA LEU B 191 -18.67 -21.37 -19.55
C LEU B 191 -17.56 -20.57 -18.84
N HIS B 192 -16.63 -21.29 -18.21
CA HIS B 192 -15.60 -20.65 -17.40
C HIS B 192 -14.48 -21.63 -17.08
N ILE B 193 -13.27 -21.10 -16.90
CA ILE B 193 -12.18 -21.93 -16.41
C ILE B 193 -12.41 -22.28 -14.95
N GLU B 194 -11.96 -23.46 -14.54
CA GLU B 194 -12.15 -23.92 -13.18
C GLU B 194 -11.46 -23.00 -12.16
N GLN B 195 -10.26 -22.55 -12.53
CA GLN B 195 -9.41 -21.69 -11.68
C GLN B 195 -8.58 -22.48 -10.66
N GLY B 196 -9.18 -23.54 -10.12
CA GLY B 196 -8.45 -24.48 -9.29
C GLY B 196 -7.89 -25.64 -10.11
N CYS B 197 -7.38 -26.67 -9.43
CA CYS B 197 -6.65 -27.74 -10.11
C CYS B 197 -7.37 -29.09 -10.01
N VAL B 198 -8.63 -29.06 -9.58
CA VAL B 198 -9.41 -30.28 -9.42
C VAL B 198 -9.52 -31.09 -10.71
N LEU B 199 -9.95 -30.44 -11.78
CA LEU B 199 -10.07 -31.09 -13.09
C LEU B 199 -8.73 -31.61 -13.59
N GLU B 200 -7.71 -30.77 -13.56
CA GLU B 200 -6.41 -31.18 -14.08
C GLU B 200 -5.84 -32.36 -13.30
N SER B 201 -6.01 -32.33 -11.98
CA SER B 201 -5.38 -33.33 -11.14
C SER B 201 -6.13 -34.66 -11.11
N ASN B 202 -7.39 -34.68 -11.57
CA ASN B 202 -8.11 -35.93 -11.69
C ASN B 202 -8.12 -36.43 -13.12
N GLY B 203 -7.51 -35.66 -14.01
CA GLY B 203 -7.45 -36.02 -15.41
C GLY B 203 -8.71 -35.81 -16.24
N GLN B 204 -9.67 -35.04 -15.73
CA GLN B 204 -10.90 -34.81 -16.50
C GLN B 204 -10.86 -33.54 -17.35
N SER B 205 -11.81 -33.42 -18.28
CA SER B 205 -11.80 -32.30 -19.26
C SER B 205 -12.91 -31.28 -19.06
N ILE B 206 -14.02 -31.71 -18.47
CA ILE B 206 -15.18 -30.84 -18.35
C ILE B 206 -15.69 -30.94 -16.94
N GLY B 207 -15.99 -29.79 -16.33
CA GLY B 207 -16.64 -29.77 -15.05
C GLY B 207 -18.10 -29.40 -15.21
N VAL B 208 -18.97 -30.25 -14.69
CA VAL B 208 -20.40 -29.96 -14.61
C VAL B 208 -20.67 -29.35 -13.25
N VAL B 209 -20.78 -28.03 -13.19
CA VAL B 209 -20.90 -27.33 -11.92
C VAL B 209 -22.30 -27.50 -11.37
N ASN B 210 -22.40 -27.92 -10.11
CA ASN B 210 -23.73 -28.04 -9.50
C ASN B 210 -23.99 -27.09 -8.34
N ALA B 211 -22.96 -26.39 -7.89
CA ALA B 211 -23.12 -25.38 -6.84
C ALA B 211 -21.97 -24.38 -6.79
N ILE B 212 -22.25 -23.22 -6.23
CA ILE B 212 -21.26 -22.16 -6.06
C ILE B 212 -21.20 -21.76 -4.59
N VAL B 213 -19.99 -21.48 -4.11
CA VAL B 213 -19.77 -21.20 -2.70
C VAL B 213 -20.44 -19.91 -2.23
N GLY B 214 -20.68 -19.85 -0.92
CA GLY B 214 -21.00 -18.61 -0.26
C GLY B 214 -19.71 -17.82 -0.13
N GLN B 215 -19.81 -16.51 0.05
CA GLN B 215 -18.63 -15.65 0.03
C GLN B 215 -18.89 -14.35 0.79
N ARG B 216 -17.98 -13.99 1.68
CA ARG B 216 -18.04 -12.68 2.33
C ARG B 216 -16.79 -11.86 2.06
N ARG B 217 -16.98 -10.55 1.90
CA ARG B 217 -15.87 -9.62 1.75
C ARG B 217 -16.08 -8.46 2.70
N TYR B 218 -15.06 -8.19 3.51
CA TYR B 218 -15.04 -7.10 4.50
C TYR B 218 -13.97 -6.09 4.16
N THR B 219 -14.20 -4.84 4.53
CA THR B 219 -13.14 -3.86 4.61
C THR B 219 -13.09 -3.47 6.06
N VAL B 220 -11.93 -3.62 6.67
CA VAL B 220 -11.76 -3.36 8.09
C VAL B 220 -10.79 -2.18 8.27
N THR B 221 -11.14 -1.26 9.15
CA THR B 221 -10.33 -0.07 9.37
C THR B 221 -9.91 -0.02 10.83
N LEU B 222 -8.61 -0.05 11.07
CA LEU B 222 -8.07 0.07 12.41
C LEU B 222 -7.49 1.46 12.62
N ASN B 223 -7.87 2.08 13.74
CA ASN B 223 -7.38 3.39 14.11
C ASN B 223 -6.62 3.35 15.43
N GLY B 224 -5.34 3.64 15.38
CA GLY B 224 -4.54 3.79 16.56
C GLY B 224 -3.97 5.19 16.56
N GLU B 225 -2.65 5.30 16.68
CA GLU B 225 -2.03 6.61 16.74
C GLU B 225 -0.65 6.56 16.08
N SER B 226 -0.48 7.39 15.05
CA SER B 226 0.82 7.49 14.42
C SER B 226 1.82 8.14 15.39
N ASN B 227 3.05 7.64 15.41
CA ASN B 227 4.07 8.23 16.28
C ASN B 227 5.47 7.84 15.83
N HIS B 228 6.45 8.41 16.50
CA HIS B 228 7.85 8.24 16.14
C HIS B 228 8.36 6.83 16.43
N ALA B 229 8.91 6.17 15.41
CA ALA B 229 9.43 4.81 15.59
C ALA B 229 10.51 4.68 16.66
N GLY B 230 11.22 5.75 16.94
CA GLY B 230 12.35 5.67 17.85
C GLY B 230 12.04 6.07 19.28
N THR B 231 11.34 7.18 19.43
CA THR B 231 11.14 7.77 20.74
C THR B 231 9.90 7.25 21.46
N THR B 232 9.01 6.54 20.75
CA THR B 232 7.79 6.04 21.38
C THR B 232 8.02 4.65 21.96
N PRO B 233 8.02 4.54 23.30
CA PRO B 233 8.31 3.22 23.87
C PRO B 233 7.26 2.19 23.44
N MET B 234 7.63 0.92 23.34
CA MET B 234 6.73 -0.11 22.85
C MET B 234 5.42 -0.14 23.62
N GLY B 235 5.50 -0.01 24.94
CA GLY B 235 4.34 -0.12 25.80
C GLY B 235 3.33 0.99 25.64
N TYR B 236 3.73 2.10 25.02
CA TYR B 236 2.84 3.24 24.81
C TYR B 236 2.21 3.29 23.41
N ARG B 237 2.38 2.25 22.61
CA ARG B 237 1.98 2.29 21.21
C ARG B 237 0.56 1.81 20.90
N ARG B 238 -0.05 2.41 19.89
CA ARG B 238 -1.25 1.86 19.29
C ARG B 238 -0.96 1.62 17.80
N ASP B 239 -0.17 0.58 17.57
CA ASP B 239 0.39 0.25 16.28
C ASP B 239 -0.62 -0.60 15.50
N THR B 240 -1.14 -0.04 14.41
CA THR B 240 -2.18 -0.75 13.64
C THR B 240 -1.67 -1.90 12.76
N VAL B 241 -0.38 -1.92 12.46
CA VAL B 241 0.14 -3.00 11.62
C VAL B 241 0.36 -4.20 12.51
N TYR B 242 0.86 -3.94 13.71
CA TYR B 242 0.96 -4.96 14.72
C TYR B 242 -0.42 -5.56 15.03
N ALA B 243 -1.43 -4.71 15.22
CA ALA B 243 -2.78 -5.23 15.46
C ALA B 243 -3.26 -6.06 14.28
N PHE B 244 -3.11 -5.53 13.06
CA PHE B 244 -3.49 -6.27 11.86
C PHE B 244 -2.80 -7.64 11.84
N SER B 245 -1.51 -7.63 12.16
CA SER B 245 -0.73 -8.85 11.98
C SER B 245 -1.19 -9.90 12.99
N ARG B 246 -1.60 -9.45 14.17
CA ARG B 246 -2.15 -10.34 15.18
C ARG B 246 -3.46 -10.94 14.66
N ILE B 247 -4.30 -10.09 14.10
CA ILE B 247 -5.56 -10.55 13.52
C ILE B 247 -5.33 -11.55 12.39
N CYS B 248 -4.42 -11.21 11.47
CA CYS B 248 -4.25 -12.05 10.28
C CYS B 248 -3.65 -13.41 10.67
N HIS B 249 -2.64 -13.37 11.53
CA HIS B 249 -1.94 -14.57 11.96
C HIS B 249 -2.91 -15.54 12.63
N GLN B 250 -3.64 -15.05 13.62
CA GLN B 250 -4.54 -15.90 14.39
C GLN B 250 -5.70 -16.44 13.54
N SER B 251 -6.26 -15.58 12.70
CA SER B 251 -7.44 -15.97 11.93
C SER B 251 -7.12 -17.02 10.89
N VAL B 252 -5.99 -16.86 10.20
CA VAL B 252 -5.55 -17.84 9.22
C VAL B 252 -5.34 -19.19 9.91
N GLU B 253 -4.76 -19.14 11.12
CA GLU B 253 -4.51 -20.36 11.91
C GLU B 253 -5.81 -21.11 12.18
N LYS B 254 -6.84 -20.37 12.61
CA LYS B 254 -8.15 -20.96 12.85
C LYS B 254 -8.77 -21.53 11.57
N ALA B 255 -8.65 -20.80 10.46
CA ALA B 255 -9.17 -21.29 9.19
C ALA B 255 -8.55 -22.61 8.79
N LYS B 256 -7.26 -22.78 9.07
CA LYS B 256 -6.60 -24.02 8.75
C LYS B 256 -7.11 -25.15 9.63
N ARG B 257 -7.47 -24.82 10.87
CA ARG B 257 -8.04 -25.82 11.78
C ARG B 257 -9.41 -26.28 11.32
N MET B 258 -10.13 -25.42 10.60
CA MET B 258 -11.43 -25.78 10.04
C MET B 258 -11.27 -26.66 8.80
N GLY B 259 -10.20 -26.45 8.06
CA GLY B 259 -9.92 -27.22 6.87
C GLY B 259 -10.81 -26.95 5.68
N ASP B 260 -10.39 -27.46 4.52
CA ASP B 260 -11.18 -27.40 3.30
C ASP B 260 -12.62 -27.80 3.54
N PRO B 261 -13.58 -27.10 2.90
CA PRO B 261 -13.35 -26.10 1.86
C PRO B 261 -13.22 -24.64 2.35
N LEU B 262 -13.14 -24.40 3.67
CA LEU B 262 -12.98 -23.04 4.16
C LEU B 262 -11.72 -22.41 3.57
N VAL B 263 -11.86 -21.22 3.02
CA VAL B 263 -10.71 -20.42 2.60
C VAL B 263 -10.84 -19.04 3.23
N LEU B 264 -9.69 -18.43 3.53
CA LEU B 264 -9.64 -17.12 4.17
C LEU B 264 -8.43 -16.35 3.63
N THR B 265 -8.68 -15.15 3.12
CA THR B 265 -7.62 -14.39 2.49
C THR B 265 -7.61 -12.94 2.95
N PHE B 266 -6.44 -12.46 3.33
CA PHE B 266 -6.21 -11.03 3.61
C PHE B 266 -5.32 -10.49 2.50
N GLY B 267 -5.92 -10.08 1.38
CA GLY B 267 -5.17 -9.77 0.18
C GLY B 267 -4.74 -8.34 0.01
N LYS B 268 -5.39 -7.43 0.73
CA LYS B 268 -5.10 -6.02 0.60
C LYS B 268 -4.85 -5.41 1.97
N VAL B 269 -3.72 -4.75 2.14
CA VAL B 269 -3.41 -4.08 3.41
C VAL B 269 -2.87 -2.69 3.10
N GLU B 270 -3.44 -1.67 3.74
CA GLU B 270 -2.97 -0.32 3.52
C GLU B 270 -2.70 0.45 4.82
N PRO B 271 -1.45 0.39 5.30
CA PRO B 271 -1.14 1.14 6.50
C PRO B 271 -0.93 2.60 6.16
N ARG B 272 -1.13 3.49 7.13
CA ARG B 272 -0.87 4.91 6.97
C ARG B 272 -0.05 5.37 8.17
N PRO B 273 0.97 6.19 7.93
CA PRO B 273 1.30 6.78 6.62
C PRO B 273 2.16 5.84 5.79
N ASN B 274 2.46 4.65 6.31
CA ASN B 274 3.23 3.65 5.55
C ASN B 274 4.69 4.07 5.31
N THR B 275 5.36 4.46 6.39
CA THR B 275 6.71 4.98 6.35
C THR B 275 7.56 4.24 7.40
N VAL B 276 8.79 3.92 7.02
CA VAL B 276 9.67 3.07 7.83
C VAL B 276 9.80 3.48 9.31
N ASN B 277 9.94 4.78 9.56
CA ASN B 277 10.20 5.26 10.92
C ASN B 277 8.95 5.90 11.55
N VAL B 278 7.78 5.44 11.13
CA VAL B 278 6.54 5.92 11.72
C VAL B 278 5.67 4.73 12.15
N VAL B 279 5.38 4.65 13.44
CA VAL B 279 4.36 3.72 13.93
C VAL B 279 3.07 4.09 13.21
N PRO B 280 2.48 3.14 12.49
CA PRO B 280 1.33 3.41 11.62
C PRO B 280 0.04 3.55 12.41
N GLY B 281 -0.54 4.75 12.37
CA GLY B 281 -1.72 5.07 13.16
C GLY B 281 -3.02 4.60 12.56
N LYS B 282 -2.96 4.09 11.33
CA LYS B 282 -4.14 3.56 10.65
C LYS B 282 -3.75 2.46 9.69
N THR B 283 -4.53 1.39 9.67
CA THR B 283 -4.41 0.35 8.66
C THR B 283 -5.81 -0.02 8.17
N THR B 284 -5.97 -0.10 6.86
CA THR B 284 -7.21 -0.57 6.26
C THR B 284 -6.86 -1.86 5.53
N PHE B 285 -7.60 -2.92 5.78
CA PHE B 285 -7.32 -4.18 5.09
C PHE B 285 -8.61 -4.85 4.73
N THR B 286 -8.53 -5.87 3.86
CA THR B 286 -9.69 -6.63 3.48
C THR B 286 -9.66 -8.07 3.99
N ILE B 287 -10.85 -8.66 4.05
CA ILE B 287 -11.00 -10.07 4.36
C ILE B 287 -11.85 -10.67 3.27
N ASP B 288 -11.43 -11.83 2.74
CA ASP B 288 -12.21 -12.60 1.79
C ASP B 288 -12.33 -14.00 2.41
N CYS B 289 -13.56 -14.48 2.58
CA CYS B 289 -13.78 -15.77 3.26
C CYS B 289 -14.95 -16.50 2.62
N ARG B 290 -14.73 -17.77 2.25
CA ARG B 290 -15.72 -18.54 1.52
C ARG B 290 -15.87 -19.96 2.05
N HIS B 291 -17.05 -20.54 1.81
CA HIS B 291 -17.34 -21.91 2.19
C HIS B 291 -18.56 -22.42 1.38
N THR B 292 -18.65 -23.74 1.20
CA THR B 292 -19.81 -24.34 0.54
C THR B 292 -21.08 -24.31 1.38
N ASP B 293 -20.94 -24.14 2.69
CA ASP B 293 -22.07 -24.14 3.62
C ASP B 293 -22.33 -22.78 4.27
N ALA B 294 -23.56 -22.30 4.13
CA ALA B 294 -23.92 -20.98 4.62
C ALA B 294 -23.68 -20.79 6.12
N ALA B 295 -24.07 -21.79 6.90
CA ALA B 295 -23.97 -21.65 8.35
C ALA B 295 -22.52 -21.67 8.82
N VAL B 296 -21.70 -22.54 8.23
CA VAL B 296 -20.29 -22.56 8.58
C VAL B 296 -19.64 -21.22 8.27
N LEU B 297 -19.95 -20.65 7.11
CA LEU B 297 -19.36 -19.37 6.71
C LEU B 297 -19.76 -18.26 7.66
N ARG B 298 -21.04 -18.23 8.01
CA ARG B 298 -21.59 -17.23 8.92
C ARG B 298 -20.97 -17.38 10.29
N ASP B 299 -20.91 -18.61 10.79
CA ASP B 299 -20.35 -18.83 12.12
C ASP B 299 -18.86 -18.47 12.18
N PHE B 300 -18.08 -18.95 11.22
CA PHE B 300 -16.66 -18.67 11.24
C PHE B 300 -16.35 -17.16 11.17
N THR B 301 -16.97 -16.48 10.22
CA THR B 301 -16.71 -15.04 10.05
C THR B 301 -17.22 -14.20 11.22
N GLN B 302 -18.33 -14.60 11.82
CA GLN B 302 -18.79 -13.89 13.02
C GLN B 302 -17.83 -14.12 14.18
N GLN B 303 -17.26 -15.30 14.28
CA GLN B 303 -16.22 -15.53 15.29
C GLN B 303 -14.99 -14.67 15.01
N LEU B 304 -14.69 -14.50 13.72
CA LEU B 304 -13.57 -13.66 13.30
C LEU B 304 -13.86 -12.21 13.69
N GLU B 305 -15.11 -11.79 13.52
CA GLU B 305 -15.52 -10.44 13.94
C GLU B 305 -15.33 -10.21 15.43
N ASN B 306 -15.66 -11.21 16.24
CA ASN B 306 -15.45 -11.12 17.68
C ASN B 306 -13.97 -11.09 18.06
N ASP B 307 -13.18 -11.97 17.45
CA ASP B 307 -11.74 -11.99 17.65
C ASP B 307 -11.08 -10.64 17.37
N MET B 308 -11.46 -10.01 16.27
CA MET B 308 -10.89 -8.74 15.87
C MET B 308 -11.27 -7.63 16.85
N ARG B 309 -12.54 -7.61 17.24
CA ARG B 309 -12.99 -6.67 18.29
C ARG B 309 -12.22 -6.84 19.60
N ALA B 310 -12.04 -8.08 20.02
CA ALA B 310 -11.32 -8.40 21.25
C ALA B 310 -9.87 -7.93 21.22
N ILE B 311 -9.16 -8.28 20.16
CA ILE B 311 -7.78 -7.84 19.96
C ILE B 311 -7.66 -6.33 20.01
N CYS B 312 -8.54 -5.63 19.29
CA CYS B 312 -8.50 -4.17 19.25
C CYS B 312 -8.92 -3.49 20.54
N ASP B 313 -9.83 -4.10 21.28
CA ASP B 313 -10.23 -3.54 22.57
C ASP B 313 -9.07 -3.65 23.55
N GLU B 314 -8.40 -4.79 23.49
CA GLU B 314 -7.23 -5.06 24.33
C GLU B 314 -6.11 -4.07 24.03
N MET B 315 -6.03 -3.60 22.79
CA MET B 315 -4.96 -2.73 22.36
C MET B 315 -5.38 -1.26 22.37
N ASP B 316 -6.62 -0.99 22.73
CA ASP B 316 -7.15 0.38 22.72
C ASP B 316 -7.11 0.97 21.30
N ILE B 317 -7.42 0.13 20.32
CA ILE B 317 -7.44 0.56 18.92
C ILE B 317 -8.87 0.54 18.40
N GLY B 318 -9.31 1.63 17.79
CA GLY B 318 -10.64 1.68 17.23
C GLY B 318 -10.74 0.77 16.02
N ILE B 319 -11.90 0.12 15.85
CA ILE B 319 -12.10 -0.74 14.68
C ILE B 319 -13.45 -0.51 13.99
N ASP B 320 -13.42 -0.40 12.67
CA ASP B 320 -14.64 -0.36 11.90
C ASP B 320 -14.67 -1.58 10.97
N ILE B 321 -15.81 -2.28 10.95
CA ILE B 321 -15.93 -3.50 10.17
C ILE B 321 -17.03 -3.32 9.14
N ASP B 322 -16.66 -3.37 7.87
CA ASP B 322 -17.60 -3.09 6.80
C ASP B 322 -17.77 -4.31 5.90
N LEU B 323 -18.84 -5.05 6.15
CA LEU B 323 -19.17 -6.24 5.36
C LEU B 323 -19.87 -5.75 4.11
N TRP B 324 -19.17 -5.76 2.97
CA TRP B 324 -19.75 -5.24 1.73
C TRP B 324 -20.16 -6.28 0.71
N MET B 325 -19.79 -7.52 0.95
CA MET B 325 -20.32 -8.63 0.16
C MET B 325 -20.71 -9.74 1.12
N ASP B 326 -21.97 -10.17 1.04
CA ASP B 326 -22.48 -11.29 1.85
C ASP B 326 -23.41 -12.10 0.94
N GLU B 327 -22.84 -13.11 0.29
CA GLU B 327 -23.59 -13.92 -0.66
C GLU B 327 -23.75 -15.35 -0.13
N GLU B 328 -24.97 -15.88 -0.19
CA GLU B 328 -25.20 -17.28 0.15
C GLU B 328 -24.68 -18.20 -0.95
N PRO B 329 -24.35 -19.46 -0.60
CA PRO B 329 -24.09 -20.44 -1.66
C PRO B 329 -25.38 -20.75 -2.37
N VAL B 330 -25.30 -21.22 -3.61
CA VAL B 330 -26.48 -21.42 -4.41
C VAL B 330 -26.25 -22.61 -5.34
N PRO B 331 -27.28 -23.46 -5.50
CA PRO B 331 -27.17 -24.58 -6.45
C PRO B 331 -27.52 -24.18 -7.88
N MET B 332 -26.91 -24.86 -8.86
CA MET B 332 -27.30 -24.68 -10.25
C MET B 332 -28.59 -25.45 -10.49
N ASN B 333 -29.29 -25.10 -11.55
CA ASN B 333 -30.57 -25.74 -11.88
C ASN B 333 -30.46 -27.26 -12.13
N LYS B 334 -31.29 -28.02 -11.41
CA LYS B 334 -31.25 -29.48 -11.45
C LYS B 334 -31.50 -30.02 -12.86
N GLU B 335 -32.51 -29.47 -13.51
CA GLU B 335 -32.88 -29.92 -14.85
C GLU B 335 -31.76 -29.67 -15.86
N LEU B 336 -31.18 -28.48 -15.81
CA LEU B 336 -30.06 -28.12 -16.70
C LEU B 336 -28.80 -28.94 -16.40
N VAL B 337 -28.48 -29.11 -15.12
CA VAL B 337 -27.33 -29.93 -14.76
C VAL B 337 -27.50 -31.32 -15.37
N ALA B 338 -28.70 -31.88 -15.22
CA ALA B 338 -29.02 -33.18 -15.82
C ALA B 338 -28.85 -33.16 -17.33
N THR B 339 -29.37 -32.12 -17.98
CA THR B 339 -29.21 -32.01 -19.42
C THR B 339 -27.74 -31.95 -19.80
N LEU B 340 -26.99 -31.12 -19.09
CA LEU B 340 -25.56 -30.98 -19.33
C LEU B 340 -24.83 -32.31 -19.09
N THR B 341 -25.17 -32.98 -17.99
CA THR B 341 -24.59 -34.29 -17.68
C THR B 341 -24.91 -35.29 -18.79
N GLU B 342 -26.16 -35.31 -19.22
CA GLU B 342 -26.58 -36.22 -20.30
C GLU B 342 -25.85 -35.88 -21.58
N LEU B 343 -25.61 -34.59 -21.80
CA LEU B 343 -24.82 -34.17 -22.96
C LEU B 343 -23.41 -34.73 -22.89
N CYS B 344 -22.77 -34.61 -21.73
CA CYS B 344 -21.42 -35.14 -21.56
C CYS B 344 -21.36 -36.65 -21.78
N GLU B 345 -22.38 -37.36 -21.29
CA GLU B 345 -22.50 -38.81 -21.47
C GLU B 345 -22.51 -39.17 -22.96
N ARG B 346 -23.39 -38.53 -23.72
CA ARG B 346 -23.55 -38.82 -25.15
C ARG B 346 -22.28 -38.53 -25.94
N GLU B 347 -21.58 -37.47 -25.56
CA GLU B 347 -20.37 -37.05 -26.27
C GLU B 347 -19.15 -37.79 -25.75
N LYS B 348 -19.37 -38.60 -24.72
CA LYS B 348 -18.32 -39.36 -24.09
C LYS B 348 -17.20 -38.42 -23.65
N LEU B 349 -17.59 -37.31 -23.05
CA LEU B 349 -16.62 -36.37 -22.48
C LEU B 349 -16.23 -36.85 -21.09
N ASN B 350 -14.93 -36.81 -20.81
CA ASN B 350 -14.46 -37.14 -19.48
C ASN B 350 -14.78 -36.01 -18.51
N TYR B 351 -15.96 -36.10 -17.89
CA TYR B 351 -16.47 -35.03 -17.05
C TYR B 351 -16.50 -35.42 -15.58
N ARG B 352 -16.59 -34.42 -14.72
CA ARG B 352 -16.95 -34.68 -13.34
C ARG B 352 -17.92 -33.62 -12.86
N VAL B 353 -18.67 -33.96 -11.80
CA VAL B 353 -19.60 -33.04 -11.18
C VAL B 353 -18.90 -32.37 -10.02
N MET B 354 -18.94 -31.04 -9.95
CA MET B 354 -18.19 -30.35 -8.92
C MET B 354 -18.82 -29.02 -8.55
N HIS B 355 -18.37 -28.47 -7.42
CA HIS B 355 -18.77 -27.13 -7.02
C HIS B 355 -17.72 -26.12 -7.44
N SER B 356 -18.13 -24.86 -7.51
CA SER B 356 -17.23 -23.77 -7.84
C SER B 356 -16.81 -23.06 -6.57
N GLY B 357 -15.51 -22.98 -6.34
CA GLY B 357 -14.98 -22.23 -5.22
C GLY B 357 -14.87 -20.75 -5.54
N ALA B 358 -15.10 -20.37 -6.79
CA ALA B 358 -15.06 -18.95 -7.17
C ALA B 358 -16.49 -18.46 -7.35
N GLY B 359 -16.69 -17.15 -7.26
CA GLY B 359 -18.00 -16.58 -7.50
C GLY B 359 -18.18 -16.31 -8.97
N HIS B 360 -19.44 -16.28 -9.42
CA HIS B 360 -19.77 -16.08 -10.83
C HIS B 360 -21.09 -15.35 -10.95
N ASP B 361 -21.28 -14.65 -12.07
CA ASP B 361 -22.58 -14.07 -12.37
C ASP B 361 -23.70 -15.13 -12.33
N ALA B 362 -23.36 -16.37 -12.69
CA ALA B 362 -24.31 -17.48 -12.62
C ALA B 362 -25.00 -17.61 -11.26
N GLN B 363 -24.30 -17.24 -10.20
CA GLN B 363 -24.88 -17.35 -8.87
C GLN B 363 -25.94 -16.26 -8.62
N ILE B 364 -25.84 -15.16 -9.35
CA ILE B 364 -26.83 -14.08 -9.24
C ILE B 364 -28.06 -14.43 -10.09
N PHE B 365 -27.79 -15.09 -11.21
CA PHE B 365 -28.83 -15.58 -12.12
C PHE B 365 -29.66 -16.72 -11.52
N ALA B 366 -28.98 -17.68 -10.89
CA ALA B 366 -29.61 -18.94 -10.46
C ALA B 366 -30.95 -18.84 -9.76
N PRO B 367 -31.08 -17.93 -8.78
CA PRO B 367 -32.37 -17.93 -8.08
C PRO B 367 -33.50 -17.31 -8.92
N ARG B 368 -33.17 -16.86 -10.13
CA ARG B 368 -34.15 -16.17 -10.95
C ARG B 368 -34.45 -16.86 -12.28
N VAL B 369 -33.42 -17.35 -12.97
CA VAL B 369 -33.64 -18.15 -14.16
C VAL B 369 -32.92 -19.49 -13.99
N PRO B 370 -33.32 -20.50 -14.79
CA PRO B 370 -32.55 -21.76 -14.76
C PRO B 370 -31.14 -21.50 -15.25
N THR B 371 -30.14 -21.86 -14.45
CA THR B 371 -28.75 -21.66 -14.87
C THR B 371 -27.83 -22.81 -14.50
N CYS B 372 -26.81 -22.98 -15.32
CA CYS B 372 -25.80 -24.00 -15.10
C CYS B 372 -24.48 -23.41 -15.59
N MET B 373 -23.39 -24.06 -15.22
CA MET B 373 -22.07 -23.64 -15.64
C MET B 373 -21.33 -24.83 -16.21
N ILE B 374 -20.43 -24.55 -17.14
CA ILE B 374 -19.50 -25.56 -17.62
C ILE B 374 -18.09 -25.09 -17.27
N PHE B 375 -17.32 -25.95 -16.61
CA PHE B 375 -15.91 -25.65 -16.32
C PHE B 375 -15.00 -26.38 -17.30
N ILE B 376 -13.87 -25.74 -17.65
CA ILE B 376 -12.77 -26.47 -18.28
C ILE B 376 -11.55 -26.35 -17.34
N PRO B 377 -10.50 -27.16 -17.56
CA PRO B 377 -9.39 -27.14 -16.60
C PRO B 377 -8.62 -25.83 -16.55
N SER B 378 -7.94 -25.62 -15.43
CA SER B 378 -6.97 -24.55 -15.31
C SER B 378 -5.64 -25.20 -14.99
N ILE B 379 -4.62 -24.98 -15.82
CA ILE B 379 -3.38 -25.68 -15.54
C ILE B 379 -2.74 -25.17 -14.26
N ASN B 380 -2.35 -26.11 -13.41
CA ASN B 380 -1.75 -25.83 -12.11
C ASN B 380 -2.65 -25.09 -11.15
N GLY B 381 -3.94 -24.95 -11.49
CA GLY B 381 -4.88 -24.27 -10.62
C GLY B 381 -4.47 -22.84 -10.32
N ILE B 382 -3.81 -22.22 -11.30
CA ILE B 382 -3.37 -20.85 -11.19
C ILE B 382 -4.44 -19.93 -11.75
N SER B 383 -4.92 -19.00 -10.94
CA SER B 383 -5.80 -17.97 -11.47
C SER B 383 -5.50 -16.67 -10.73
N HIS B 384 -6.12 -15.57 -11.15
CA HIS B 384 -5.85 -14.26 -10.58
C HIS B 384 -4.34 -14.01 -10.56
N ASN B 385 -3.69 -14.39 -11.66
CA ASN B 385 -2.24 -14.42 -11.79
C ASN B 385 -2.00 -14.46 -13.30
N PRO B 386 -1.06 -13.64 -13.81
CA PRO B 386 -0.76 -13.58 -15.25
C PRO B 386 -0.47 -14.95 -15.90
N ALA B 387 -0.02 -15.91 -15.10
CA ALA B 387 0.31 -17.24 -15.62
C ALA B 387 -0.91 -18.17 -15.79
N GLU B 388 -2.11 -17.64 -15.56
CA GLU B 388 -3.35 -18.35 -15.84
C GLU B 388 -3.35 -18.88 -17.27
N ARG B 389 -3.47 -20.20 -17.44
CA ARG B 389 -3.41 -20.84 -18.75
C ARG B 389 -4.25 -22.10 -18.77
N THR B 390 -4.80 -22.37 -19.94
CA THR B 390 -5.52 -23.60 -20.20
C THR B 390 -5.12 -24.06 -21.60
N ASN B 391 -4.82 -25.35 -21.74
CA ASN B 391 -4.54 -25.95 -23.05
C ASN B 391 -5.60 -25.59 -24.08
N ILE B 392 -5.15 -25.28 -25.29
CA ILE B 392 -6.05 -24.84 -26.36
C ILE B 392 -7.16 -25.86 -26.70
N THR B 393 -6.85 -27.15 -26.64
CA THR B 393 -7.85 -28.14 -26.98
C THR B 393 -8.91 -28.21 -25.89
N ASP B 394 -8.49 -28.00 -24.64
CA ASP B 394 -9.47 -27.91 -23.56
C ASP B 394 -10.38 -26.72 -23.79
N LEU B 395 -9.81 -25.58 -24.17
CA LEU B 395 -10.61 -24.39 -24.48
C LEU B 395 -11.58 -24.65 -25.63
N ALA B 396 -11.06 -25.19 -26.73
CA ALA B 396 -11.90 -25.62 -27.86
C ALA B 396 -13.00 -26.57 -27.39
N GLU B 397 -12.63 -27.55 -26.57
CA GLU B 397 -13.60 -28.54 -26.11
C GLU B 397 -14.71 -27.91 -25.25
N GLY B 398 -14.38 -26.88 -24.50
CA GLY B 398 -15.39 -26.17 -23.72
C GLY B 398 -16.35 -25.39 -24.59
N VAL B 399 -15.85 -24.74 -25.63
CA VAL B 399 -16.68 -23.97 -26.52
C VAL B 399 -17.63 -24.91 -27.26
N LYS B 400 -17.07 -26.02 -27.74
CA LYS B 400 -17.87 -27.08 -28.37
C LYS B 400 -19.01 -27.52 -27.45
N THR B 401 -18.68 -27.79 -26.19
CA THR B 401 -19.70 -28.24 -25.26
C THR B 401 -20.76 -27.17 -25.09
N LEU B 402 -20.30 -25.93 -25.01
CA LEU B 402 -21.23 -24.80 -24.87
C LEU B 402 -22.14 -24.71 -26.10
N ALA B 403 -21.55 -24.87 -27.29
CA ALA B 403 -22.30 -24.83 -28.53
C ALA B 403 -23.45 -25.84 -28.52
N LEU B 404 -23.10 -27.09 -28.22
CA LEU B 404 -24.08 -28.16 -28.15
C LEU B 404 -25.16 -27.85 -27.13
N MET B 405 -24.76 -27.36 -25.97
CA MET B 405 -25.71 -27.02 -24.94
C MET B 405 -26.69 -25.94 -25.41
N LEU B 406 -26.18 -24.96 -26.14
CA LEU B 406 -27.01 -23.86 -26.66
C LEU B 406 -27.87 -24.33 -27.83
N TYR B 407 -27.32 -25.23 -28.65
CA TYR B 407 -28.10 -25.88 -29.70
C TYR B 407 -29.37 -26.52 -29.16
N GLN B 408 -29.25 -27.20 -28.02
CA GLN B 408 -30.40 -27.89 -27.43
C GLN B 408 -31.37 -26.92 -26.80
N LEU B 409 -30.84 -25.88 -26.19
CA LEU B 409 -31.67 -24.89 -25.52
C LEU B 409 -32.41 -23.98 -26.50
N ALA B 410 -31.83 -23.74 -27.66
CA ALA B 410 -32.36 -22.69 -28.54
C ALA B 410 -32.70 -23.12 -29.97
N TRP B 411 -31.91 -24.01 -30.56
CA TRP B 411 -32.23 -24.55 -31.88
C TRP B 411 -33.14 -25.79 -31.81
N GLN B 412 -33.67 -26.06 -30.62
CA GLN B 412 -34.65 -27.12 -30.44
C GLN B 412 -35.75 -26.64 -29.50
N LYS B 413 -36.95 -27.16 -29.72
CA LYS B 413 -38.09 -26.90 -28.85
C LYS B 413 -37.89 -27.64 -27.54
MN MN C . 11.69 12.76 12.11
C1 1AL D . 14.29 12.30 13.56
O2 1AL D . 13.09 12.15 13.51
N3 1AL D . 14.87 13.31 14.36
N4 1AL D . 15.12 11.44 12.82
C5 1AL D . 14.17 9.23 12.92
O6 1AL D . 13.50 8.28 12.46
O7 1AL D . 14.53 9.22 14.13
C8 1AL D . 14.59 10.39 12.02
C9 1AL D . 16.76 9.31 11.47
O10 1AL D . 16.83 8.81 12.58
N11 1AL D . 17.81 9.11 10.55
N12 1AL D . 15.64 10.10 11.10
MN MN E . -11.56 -13.68 -11.14
C1 1AL F . -14.04 -15.25 -10.44
O2 1AL F . -12.83 -15.17 -10.26
N3 1AL F . -14.57 -16.12 -11.43
N4 1AL F . -14.93 -14.48 -9.66
C5 1AL F . -13.88 -14.31 -7.43
O6 1AL F . -13.31 -13.68 -6.49
O7 1AL F . -14.01 -15.56 -7.37
C8 1AL F . -14.45 -13.59 -8.65
C9 1AL F . -16.54 -13.04 -7.40
O10 1AL F . -16.50 -14.03 -6.69
N11 1AL F . -17.60 -12.12 -7.23
N12 1AL F . -15.55 -12.75 -8.37
#